data_1CYZ
# 
_entry.id   1CYZ 
# 
_audit_conform.dict_name       mmcif_pdbx.dic 
_audit_conform.dict_version    5.392 
_audit_conform.dict_location   http://mmcif.pdb.org/dictionaries/ascii/mmcif_pdbx.dic 
# 
loop_
_database_2.database_id 
_database_2.database_code 
_database_2.pdbx_database_accession 
_database_2.pdbx_DOI 
PDB   1CYZ         pdb_00001cyz 10.2210/pdb1cyz/pdb 
RCSB  RCSB009629   ?            ?                   
WWPDB D_1000009629 ?            ?                   
# 
loop_
_pdbx_audit_revision_history.ordinal 
_pdbx_audit_revision_history.data_content_type 
_pdbx_audit_revision_history.major_revision 
_pdbx_audit_revision_history.minor_revision 
_pdbx_audit_revision_history.revision_date 
1 'Structure model' 1 0 1999-09-14 
2 'Structure model' 1 1 2008-04-27 
3 'Structure model' 1 2 2011-07-13 
4 'Structure model' 1 3 2022-02-16 
5 'Structure model' 1 4 2024-05-22 
# 
_pdbx_audit_revision_details.ordinal             1 
_pdbx_audit_revision_details.revision_ordinal    1 
_pdbx_audit_revision_details.data_content_type   'Structure model' 
_pdbx_audit_revision_details.provider            repository 
_pdbx_audit_revision_details.type                'Initial release' 
_pdbx_audit_revision_details.description         ? 
_pdbx_audit_revision_details.details             ? 
# 
loop_
_pdbx_audit_revision_group.ordinal 
_pdbx_audit_revision_group.revision_ordinal 
_pdbx_audit_revision_group.data_content_type 
_pdbx_audit_revision_group.group 
1 2 'Structure model' 'Version format compliance' 
2 3 'Structure model' 'Version format compliance' 
3 4 'Structure model' 'Data collection'           
4 4 'Structure model' 'Database references'       
5 4 'Structure model' 'Derived calculations'      
6 4 'Structure model' 'Structure summary'         
7 5 'Structure model' 'Data collection'           
# 
loop_
_pdbx_audit_revision_category.ordinal 
_pdbx_audit_revision_category.revision_ordinal 
_pdbx_audit_revision_category.data_content_type 
_pdbx_audit_revision_category.category 
1  4 'Structure model' chem_comp             
2  4 'Structure model' database_2            
3  4 'Structure model' entity                
4  4 'Structure model' pdbx_entity_nonpoly   
5  4 'Structure model' pdbx_nmr_software     
6  4 'Structure model' pdbx_struct_assembly  
7  4 'Structure model' pdbx_struct_oper_list 
8  4 'Structure model' struct_site           
9  5 'Structure model' chem_comp_atom        
10 5 'Structure model' chem_comp_bond        
# 
loop_
_pdbx_audit_revision_item.ordinal 
_pdbx_audit_revision_item.revision_ordinal 
_pdbx_audit_revision_item.data_content_type 
_pdbx_audit_revision_item.item 
1 4 'Structure model' '_chem_comp.name'                     
2 4 'Structure model' '_database_2.pdbx_DOI'                
3 4 'Structure model' '_database_2.pdbx_database_accession' 
4 4 'Structure model' '_entity.pdbx_description'            
5 4 'Structure model' '_pdbx_entity_nonpoly.name'           
6 4 'Structure model' '_pdbx_nmr_software.name'             
7 4 'Structure model' '_struct_site.pdbx_auth_asym_id'      
8 4 'Structure model' '_struct_site.pdbx_auth_comp_id'      
9 4 'Structure model' '_struct_site.pdbx_auth_seq_id'       
# 
_pdbx_database_status.status_code                     REL 
_pdbx_database_status.entry_id                        1CYZ 
_pdbx_database_status.recvd_initial_deposition_date   1999-08-31 
_pdbx_database_status.deposit_site                    RCSB 
_pdbx_database_status.process_site                    RCSB 
_pdbx_database_status.status_code_sf                  ? 
_pdbx_database_status.status_code_mr                  REL 
_pdbx_database_status.SG_entry                        ? 
_pdbx_database_status.pdb_format_compatible           Y 
_pdbx_database_status.status_code_cs                  ? 
_pdbx_database_status.status_code_nmr_data            ? 
_pdbx_database_status.methods_development_category    ? 
# 
_pdbx_database_related.db_name        PDB 
_pdbx_database_related.db_id          1B0S 
_pdbx_database_related.details        '1B0S CONTAINS THE NMR STRUCTURE OF GAACCGGTTC/TRI-IMIDAZOLE POLYAMIDE COMPLEX' 
_pdbx_database_related.content_type   unspecified 
# 
loop_
_audit_author.name 
_audit_author.pdbx_ordinal 
'Yang, X.-L.'      1 
'Hubbard IV, R.B.' 2 
'Lee, M.'          3 
'Tao, Z.-F.'       4 
'Sugiyama, H.'     5 
'Wang, A.H.-J.'    6 
# 
loop_
_citation.id 
_citation.title 
_citation.journal_abbrev 
_citation.journal_volume 
_citation.page_first 
_citation.page_last 
_citation.year 
_citation.journal_id_ASTM 
_citation.country 
_citation.journal_id_ISSN 
_citation.journal_id_CSD 
_citation.book_publisher 
_citation.pdbx_database_id_PubMed 
_citation.pdbx_database_id_DOI 
primary 'Imidazole-imidazole pair as a minor groove recognition motif for T:G mismatched base pairs'                  
'Nucleic Acids Res.' 27  4183 4190 1999 NARHAD UK 0305-1048 0389 ? 10518609 10.1093/nar/27.21.4183           
1       'Binding of AR-1-144, a tri-imidazole DNA minor groove binder, to CCGG sequence analyzed by NMR spectroscopy' 
Eur.J.Biochem.       263 646  655  1999 EJBCAI IX 0014-2956 0262 ? ?        10.1046/j.1432-1327.1999.00515.x 
# 
loop_
_citation_author.citation_id 
_citation_author.name 
_citation_author.ordinal 
_citation_author.identifier_ORCID 
primary 'Yang, X.-L.'      1  ? 
primary 'Hubbard IV, R.B.' 2  ? 
primary 'Lee, M.'          3  ? 
primary 'Tao, Z.-F.'       4  ? 
primary 'Sugiyama, H.'     5  ? 
primary 'Wang, A.H.-J.'    6  ? 
1       'Yang, X.-L.'      7  ? 
1       'Kaenzig, C.'      8  ? 
1       'Lee, M.'          9  ? 
1       'Wang, A.H.-J.'    10 ? 
# 
loop_
_entity.id 
_entity.type 
_entity.src_method 
_entity.pdbx_description 
_entity.formula_weight 
_entity.pdbx_number_of_molecules 
_entity.pdbx_ec 
_entity.pdbx_mutation 
_entity.pdbx_fragment 
_entity.details 
1 polymer     syn "5'-D(*GP*AP*AP*CP*TP*GP*GP*TP*TP*C)-3'" 3060.016 2 ? ? ? ? 
2 non-polymer syn 
;(2-{[4-({4-[(4-FORMYLAMINO-1-METHYL-1H-IMIDAZOLE-2-CARBONYL)-AMINO]-1-METHYL-1H-IMIDAZOLE-2-CARBONYL}-AMINO)-1-METHYL-1 H-IMIDAZOLE-2-CARBONYL]-AMINO}-ETHYL)-DIMETHYL-AMMONIUM
;
486.508  2 ? ? ? ? 
# 
_entity_poly.entity_id                      1 
_entity_poly.type                           polydeoxyribonucleotide 
_entity_poly.nstd_linkage                   no 
_entity_poly.nstd_monomer                   no 
_entity_poly.pdbx_seq_one_letter_code       '(DG)(DA)(DA)(DC)(DT)(DG)(DG)(DT)(DT)(DC)' 
_entity_poly.pdbx_seq_one_letter_code_can   GAACTGGTTC 
_entity_poly.pdbx_strand_id                 A,B 
_entity_poly.pdbx_target_identifier         ? 
# 
_pdbx_entity_nonpoly.entity_id   2 
_pdbx_entity_nonpoly.name        
;(2-{[4-({4-[(4-FORMYLAMINO-1-METHYL-1H-IMIDAZOLE-2-CARBONYL)-AMINO]-1-METHYL-1H-IMIDAZOLE-2-CARBONYL}-AMINO)-1-METHYL-1 H-IMIDAZOLE-2-CARBONYL]-AMINO}-ETHYL)-DIMETHYL-AMMONIUM
;
_pdbx_entity_nonpoly.comp_id     AR1 
# 
loop_
_entity_poly_seq.entity_id 
_entity_poly_seq.num 
_entity_poly_seq.mon_id 
_entity_poly_seq.hetero 
1 1  DG n 
1 2  DA n 
1 3  DA n 
1 4  DC n 
1 5  DT n 
1 6  DG n 
1 7  DG n 
1 8  DT n 
1 9  DT n 
1 10 DC n 
# 
loop_
_chem_comp.id 
_chem_comp.type 
_chem_comp.mon_nstd_flag 
_chem_comp.name 
_chem_comp.pdbx_synonyms 
_chem_comp.formula 
_chem_comp.formula_weight 
AR1 non-polymer   . 
;(2-{[4-({4-[(4-FORMYLAMINO-1-METHYL-1H-IMIDAZOLE-2-CARBONYL)-AMINO]-1-METHYL-1H-IMIDAZOLE-2-CARBONYL}-AMINO)-1-METHYL-1 H-IMIDAZOLE-2-CARBONYL]-AMINO}-ETHYL)-DIMETHYL-AMMONIUM
;
'TRI-IMIDAZOLE DNA MINOR GROOVE BINDER; AR-1-144' 'C20 H28 N11 O4 1' 486.508 
DA  'DNA linking' y "2'-DEOXYADENOSINE-5'-MONOPHOSPHATE" ?                                                 'C10 H14 N5 O6 P'  
331.222 
DC  'DNA linking' y "2'-DEOXYCYTIDINE-5'-MONOPHOSPHATE" ?                                                 'C9 H14 N3 O7 P'   
307.197 
DG  'DNA linking' y "2'-DEOXYGUANOSINE-5'-MONOPHOSPHATE" ?                                                 'C10 H14 N5 O7 P'  
347.221 
DT  'DNA linking' y "THYMIDINE-5'-MONOPHOSPHATE" ?                                                 'C10 H15 N2 O8 P'  322.208 
# 
loop_
_pdbx_poly_seq_scheme.asym_id 
_pdbx_poly_seq_scheme.entity_id 
_pdbx_poly_seq_scheme.seq_id 
_pdbx_poly_seq_scheme.mon_id 
_pdbx_poly_seq_scheme.ndb_seq_num 
_pdbx_poly_seq_scheme.pdb_seq_num 
_pdbx_poly_seq_scheme.auth_seq_num 
_pdbx_poly_seq_scheme.pdb_mon_id 
_pdbx_poly_seq_scheme.auth_mon_id 
_pdbx_poly_seq_scheme.pdb_strand_id 
_pdbx_poly_seq_scheme.pdb_ins_code 
_pdbx_poly_seq_scheme.hetero 
A 1 1  DG 1  1  1  DG G A . n 
A 1 2  DA 2  2  2  DA A A . n 
A 1 3  DA 3  3  3  DA A A . n 
A 1 4  DC 4  4  4  DC C A . n 
A 1 5  DT 5  5  5  DT T A . n 
A 1 6  DG 6  6  6  DG G A . n 
A 1 7  DG 7  7  7  DG G A . n 
A 1 8  DT 8  8  8  DT T A . n 
A 1 9  DT 9  9  9  DT T A . n 
A 1 10 DC 10 10 10 DC C A . n 
B 1 1  DG 1  16 16 DG G B . n 
B 1 2  DA 2  17 17 DA A B . n 
B 1 3  DA 3  18 18 DA A B . n 
B 1 4  DC 4  19 19 DC C B . n 
B 1 5  DT 5  20 20 DT T B . n 
B 1 6  DG 6  21 21 DG G B . n 
B 1 7  DG 7  22 22 DG G B . n 
B 1 8  DT 8  23 23 DT T B . n 
B 1 9  DT 9  24 24 DT T B . n 
B 1 10 DC 10 25 25 DC C B . n 
# 
loop_
_pdbx_nonpoly_scheme.asym_id 
_pdbx_nonpoly_scheme.entity_id 
_pdbx_nonpoly_scheme.mon_id 
_pdbx_nonpoly_scheme.ndb_seq_num 
_pdbx_nonpoly_scheme.pdb_seq_num 
_pdbx_nonpoly_scheme.auth_seq_num 
_pdbx_nonpoly_scheme.pdb_mon_id 
_pdbx_nonpoly_scheme.auth_mon_id 
_pdbx_nonpoly_scheme.pdb_strand_id 
_pdbx_nonpoly_scheme.pdb_ins_code 
C 2 AR1 1 12 12 AR1 AR1 A . 
D 2 AR1 1 26 26 AR1 AR1 B . 
# 
_cell.entry_id           1CYZ 
_cell.length_a           1.000 
_cell.length_b           1.000 
_cell.length_c           1.000 
_cell.angle_alpha        90.00 
_cell.angle_beta         90.00 
_cell.angle_gamma        90.00 
_cell.Z_PDB              1 
_cell.pdbx_unique_axis   ? 
# 
_symmetry.entry_id                         1CYZ 
_symmetry.space_group_name_H-M             'P 1' 
_symmetry.pdbx_full_space_group_name_H-M   ? 
_symmetry.cell_setting                     ? 
_symmetry.Int_Tables_number                1 
# 
_exptl.entry_id          1CYZ 
_exptl.method            'SOLUTION NMR' 
_exptl.crystals_number   ? 
# 
_struct.entry_id                  1CYZ 
_struct.title                     'NMR STRUCTURE OF THE GAACTGGTTC/TRI-IMIDAZOLE POLYAMIDE COMPLEX' 
_struct.pdbx_model_details        ? 
_struct.pdbx_CASP_flag            ? 
_struct.pdbx_model_type_details   ? 
# 
_struct_keywords.entry_id        1CYZ 
_struct_keywords.pdbx_keywords   DNA 
_struct_keywords.text            'T:G RECOGNIZED BY IM/IM PAIR IN THE DNA MINOR GROOVE, DNA' 
# 
loop_
_struct_asym.id 
_struct_asym.pdbx_blank_PDB_chainid_flag 
_struct_asym.pdbx_modified 
_struct_asym.entity_id 
_struct_asym.details 
A N N 1 ? 
B N N 1 ? 
C N N 2 ? 
D N N 2 ? 
# 
_struct_ref.id                         1 
_struct_ref.entity_id                  1 
_struct_ref.db_name                    PDB 
_struct_ref.db_code                    1CYZ 
_struct_ref.pdbx_db_accession          1CYZ 
_struct_ref.pdbx_db_isoform            ? 
_struct_ref.pdbx_seq_one_letter_code   ? 
_struct_ref.pdbx_align_begin           ? 
# 
loop_
_struct_ref_seq.align_id 
_struct_ref_seq.ref_id 
_struct_ref_seq.pdbx_PDB_id_code 
_struct_ref_seq.pdbx_strand_id 
_struct_ref_seq.seq_align_beg 
_struct_ref_seq.pdbx_seq_align_beg_ins_code 
_struct_ref_seq.seq_align_end 
_struct_ref_seq.pdbx_seq_align_end_ins_code 
_struct_ref_seq.pdbx_db_accession 
_struct_ref_seq.db_align_beg 
_struct_ref_seq.pdbx_db_align_beg_ins_code 
_struct_ref_seq.db_align_end 
_struct_ref_seq.pdbx_db_align_end_ins_code 
_struct_ref_seq.pdbx_auth_seq_align_beg 
_struct_ref_seq.pdbx_auth_seq_align_end 
1 1 1CYZ A 1 ? 10 ? 1CYZ 1  ? 10 ? 1  10 
2 1 1CYZ B 1 ? 10 ? 1CYZ 16 ? 25 ? 16 25 
# 
_pdbx_struct_assembly.id                   1 
_pdbx_struct_assembly.details              author_defined_assembly 
_pdbx_struct_assembly.method_details       ? 
_pdbx_struct_assembly.oligomeric_details   dimeric 
_pdbx_struct_assembly.oligomeric_count     2 
# 
_pdbx_struct_assembly_gen.assembly_id       1 
_pdbx_struct_assembly_gen.oper_expression   1 
_pdbx_struct_assembly_gen.asym_id_list      A,B,C,D 
# 
_pdbx_struct_oper_list.id                   1 
_pdbx_struct_oper_list.type                 'identity operation' 
_pdbx_struct_oper_list.name                 1_555 
_pdbx_struct_oper_list.symmetry_operation   x,y,z 
_pdbx_struct_oper_list.matrix[1][1]         1.0000000000 
_pdbx_struct_oper_list.matrix[1][2]         0.0000000000 
_pdbx_struct_oper_list.matrix[1][3]         0.0000000000 
_pdbx_struct_oper_list.vector[1]            0.0000000000 
_pdbx_struct_oper_list.matrix[2][1]         0.0000000000 
_pdbx_struct_oper_list.matrix[2][2]         1.0000000000 
_pdbx_struct_oper_list.matrix[2][3]         0.0000000000 
_pdbx_struct_oper_list.vector[2]            0.0000000000 
_pdbx_struct_oper_list.matrix[3][1]         0.0000000000 
_pdbx_struct_oper_list.matrix[3][2]         0.0000000000 
_pdbx_struct_oper_list.matrix[3][3]         1.0000000000 
_pdbx_struct_oper_list.vector[3]            0.0000000000 
# 
_struct_biol.id   1 
# 
loop_
_struct_conn.id 
_struct_conn.conn_type_id 
_struct_conn.pdbx_leaving_atom_flag 
_struct_conn.pdbx_PDB_id 
_struct_conn.ptnr1_label_asym_id 
_struct_conn.ptnr1_label_comp_id 
_struct_conn.ptnr1_label_seq_id 
_struct_conn.ptnr1_label_atom_id 
_struct_conn.pdbx_ptnr1_label_alt_id 
_struct_conn.pdbx_ptnr1_PDB_ins_code 
_struct_conn.pdbx_ptnr1_standard_comp_id 
_struct_conn.ptnr1_symmetry 
_struct_conn.ptnr2_label_asym_id 
_struct_conn.ptnr2_label_comp_id 
_struct_conn.ptnr2_label_seq_id 
_struct_conn.ptnr2_label_atom_id 
_struct_conn.pdbx_ptnr2_label_alt_id 
_struct_conn.pdbx_ptnr2_PDB_ins_code 
_struct_conn.ptnr1_auth_asym_id 
_struct_conn.ptnr1_auth_comp_id 
_struct_conn.ptnr1_auth_seq_id 
_struct_conn.ptnr2_auth_asym_id 
_struct_conn.ptnr2_auth_comp_id 
_struct_conn.ptnr2_auth_seq_id 
_struct_conn.ptnr2_symmetry 
_struct_conn.pdbx_ptnr3_label_atom_id 
_struct_conn.pdbx_ptnr3_label_seq_id 
_struct_conn.pdbx_ptnr3_label_comp_id 
_struct_conn.pdbx_ptnr3_label_asym_id 
_struct_conn.pdbx_ptnr3_label_alt_id 
_struct_conn.pdbx_ptnr3_PDB_ins_code 
_struct_conn.details 
_struct_conn.pdbx_dist_value 
_struct_conn.pdbx_value_order 
_struct_conn.pdbx_role 
hydrog1  hydrog ? ? A DG 1  N1 ? ? ? 1_555 B DC 10 N3 ? ? A DG 1  B DC 25 1_555 ? ? ? ? ? ? WATSON-CRICK ? ? ? 
hydrog2  hydrog ? ? A DG 1  N2 ? ? ? 1_555 B DC 10 O2 ? ? A DG 1  B DC 25 1_555 ? ? ? ? ? ? WATSON-CRICK ? ? ? 
hydrog3  hydrog ? ? A DG 1  O6 ? ? ? 1_555 B DC 10 N4 ? ? A DG 1  B DC 25 1_555 ? ? ? ? ? ? WATSON-CRICK ? ? ? 
hydrog4  hydrog ? ? A DA 2  N1 ? ? ? 1_555 B DT 9  N3 ? ? A DA 2  B DT 24 1_555 ? ? ? ? ? ? WATSON-CRICK ? ? ? 
hydrog5  hydrog ? ? A DA 2  N6 ? ? ? 1_555 B DT 9  O4 ? ? A DA 2  B DT 24 1_555 ? ? ? ? ? ? WATSON-CRICK ? ? ? 
hydrog6  hydrog ? ? A DA 3  N1 ? ? ? 1_555 B DT 8  N3 ? ? A DA 3  B DT 23 1_555 ? ? ? ? ? ? WATSON-CRICK ? ? ? 
hydrog7  hydrog ? ? A DA 3  N6 ? ? ? 1_555 B DT 8  O4 ? ? A DA 3  B DT 23 1_555 ? ? ? ? ? ? WATSON-CRICK ? ? ? 
hydrog8  hydrog ? ? A DC 4  N3 ? ? ? 1_555 B DG 7  N1 ? ? A DC 4  B DG 22 1_555 ? ? ? ? ? ? WATSON-CRICK ? ? ? 
hydrog9  hydrog ? ? A DC 4  N4 ? ? ? 1_555 B DG 7  O6 ? ? A DC 4  B DG 22 1_555 ? ? ? ? ? ? WATSON-CRICK ? ? ? 
hydrog10 hydrog ? ? A DC 4  O2 ? ? ? 1_555 B DG 7  N2 ? ? A DC 4  B DG 22 1_555 ? ? ? ? ? ? WATSON-CRICK ? ? ? 
hydrog11 hydrog ? ? A DT 5  N3 ? ? ? 1_555 B DG 6  O6 ? ? A DT 5  B DG 21 1_555 ? ? ? ? ? ? TYPE_28_PAIR ? ? ? 
hydrog12 hydrog ? ? A DT 5  O2 ? ? ? 1_555 B DG 6  N1 ? ? A DT 5  B DG 21 1_555 ? ? ? ? ? ? TYPE_28_PAIR ? ? ? 
hydrog13 hydrog ? ? A DG 6  N1 ? ? ? 1_555 B DT 5  O2 ? ? A DG 6  B DT 20 1_555 ? ? ? ? ? ? TYPE_28_PAIR ? ? ? 
hydrog14 hydrog ? ? A DG 6  O6 ? ? ? 1_555 B DT 5  N3 ? ? A DG 6  B DT 20 1_555 ? ? ? ? ? ? TYPE_28_PAIR ? ? ? 
hydrog15 hydrog ? ? A DG 7  N1 ? ? ? 1_555 B DC 4  N3 ? ? A DG 7  B DC 19 1_555 ? ? ? ? ? ? WATSON-CRICK ? ? ? 
hydrog16 hydrog ? ? A DG 7  N2 ? ? ? 1_555 B DC 4  O2 ? ? A DG 7  B DC 19 1_555 ? ? ? ? ? ? WATSON-CRICK ? ? ? 
hydrog17 hydrog ? ? A DG 7  O6 ? ? ? 1_555 B DC 4  N4 ? ? A DG 7  B DC 19 1_555 ? ? ? ? ? ? WATSON-CRICK ? ? ? 
hydrog18 hydrog ? ? A DT 8  N3 ? ? ? 1_555 B DA 3  N1 ? ? A DT 8  B DA 18 1_555 ? ? ? ? ? ? WATSON-CRICK ? ? ? 
hydrog19 hydrog ? ? A DT 8  O4 ? ? ? 1_555 B DA 3  N6 ? ? A DT 8  B DA 18 1_555 ? ? ? ? ? ? WATSON-CRICK ? ? ? 
hydrog20 hydrog ? ? A DT 9  N3 ? ? ? 1_555 B DA 2  N1 ? ? A DT 9  B DA 17 1_555 ? ? ? ? ? ? WATSON-CRICK ? ? ? 
hydrog21 hydrog ? ? A DT 9  O4 ? ? ? 1_555 B DA 2  N6 ? ? A DT 9  B DA 17 1_555 ? ? ? ? ? ? WATSON-CRICK ? ? ? 
hydrog22 hydrog ? ? A DC 10 N3 ? ? ? 1_555 B DG 1  N1 ? ? A DC 10 B DG 16 1_555 ? ? ? ? ? ? WATSON-CRICK ? ? ? 
hydrog23 hydrog ? ? A DC 10 N4 ? ? ? 1_555 B DG 1  O6 ? ? A DC 10 B DG 16 1_555 ? ? ? ? ? ? WATSON-CRICK ? ? ? 
hydrog24 hydrog ? ? A DC 10 O2 ? ? ? 1_555 B DG 1  N2 ? ? A DC 10 B DG 16 1_555 ? ? ? ? ? ? WATSON-CRICK ? ? ? 
# 
_struct_conn_type.id          hydrog 
_struct_conn_type.criteria    ? 
_struct_conn_type.reference   ? 
# 
loop_
_struct_site.id 
_struct_site.pdbx_evidence_code 
_struct_site.pdbx_auth_asym_id 
_struct_site.pdbx_auth_comp_id 
_struct_site.pdbx_auth_seq_id 
_struct_site.pdbx_auth_ins_code 
_struct_site.pdbx_num_residues 
_struct_site.details 
AC1 Software A AR1 12 ? 10 'BINDING SITE FOR RESIDUE AR1 A 12' 
AC2 Software B AR1 26 ? 10 'BINDING SITE FOR RESIDUE AR1 B 26' 
# 
loop_
_struct_site_gen.id 
_struct_site_gen.site_id 
_struct_site_gen.pdbx_num_res 
_struct_site_gen.label_comp_id 
_struct_site_gen.label_asym_id 
_struct_site_gen.label_seq_id 
_struct_site_gen.pdbx_auth_ins_code 
_struct_site_gen.auth_comp_id 
_struct_site_gen.auth_asym_id 
_struct_site_gen.auth_seq_id 
_struct_site_gen.label_atom_id 
_struct_site_gen.label_alt_id 
_struct_site_gen.symmetry 
_struct_site_gen.details 
1  AC1 10 DC  A 4 ? DC  A 4  . ? 1_555 ? 
2  AC1 10 DT  A 5 ? DT  A 5  . ? 1_555 ? 
3  AC1 10 DG  A 6 ? DG  A 6  . ? 1_555 ? 
4  AC1 10 DG  A 7 ? DG  A 7  . ? 1_555 ? 
5  AC1 10 DT  A 8 ? DT  A 8  . ? 1_555 ? 
6  AC1 10 DT  A 9 ? DT  A 9  . ? 1_555 ? 
7  AC1 10 DC  B 4 ? DC  B 19 . ? 1_555 ? 
8  AC1 10 DG  B 6 ? DG  B 21 . ? 1_555 ? 
9  AC1 10 DG  B 7 ? DG  B 22 . ? 1_555 ? 
10 AC1 10 AR1 D . ? AR1 B 26 . ? 1_555 ? 
11 AC2 10 DC  A 4 ? DC  A 4  . ? 1_555 ? 
12 AC2 10 DG  A 6 ? DG  A 6  . ? 1_555 ? 
13 AC2 10 DG  A 7 ? DG  A 7  . ? 1_555 ? 
14 AC2 10 AR1 C . ? AR1 A 12 . ? 1_555 ? 
15 AC2 10 DC  B 4 ? DC  B 19 . ? 1_555 ? 
16 AC2 10 DT  B 5 ? DT  B 20 . ? 1_555 ? 
17 AC2 10 DG  B 6 ? DG  B 21 . ? 1_555 ? 
18 AC2 10 DG  B 7 ? DG  B 22 . ? 1_555 ? 
19 AC2 10 DT  B 8 ? DT  B 23 . ? 1_555 ? 
20 AC2 10 DT  B 9 ? DT  B 24 . ? 1_555 ? 
# 
loop_
_pdbx_validate_rmsd_bond.id 
_pdbx_validate_rmsd_bond.PDB_model_num 
_pdbx_validate_rmsd_bond.auth_atom_id_1 
_pdbx_validate_rmsd_bond.auth_asym_id_1 
_pdbx_validate_rmsd_bond.auth_comp_id_1 
_pdbx_validate_rmsd_bond.auth_seq_id_1 
_pdbx_validate_rmsd_bond.PDB_ins_code_1 
_pdbx_validate_rmsd_bond.label_alt_id_1 
_pdbx_validate_rmsd_bond.auth_atom_id_2 
_pdbx_validate_rmsd_bond.auth_asym_id_2 
_pdbx_validate_rmsd_bond.auth_comp_id_2 
_pdbx_validate_rmsd_bond.auth_seq_id_2 
_pdbx_validate_rmsd_bond.PDB_ins_code_2 
_pdbx_validate_rmsd_bond.label_alt_id_2 
_pdbx_validate_rmsd_bond.bond_value 
_pdbx_validate_rmsd_bond.bond_target_value 
_pdbx_validate_rmsd_bond.bond_deviation 
_pdbx_validate_rmsd_bond.bond_standard_deviation 
_pdbx_validate_rmsd_bond.linker_flag 
1 1 "C5'" A DG 1  ? ? "C4'" A DG 1  ? ? 1.555 1.512 0.043 0.007 N 
2 1 C5    A DT 5  ? ? C7    A DT 5  ? ? 1.540 1.496 0.044 0.006 N 
3 1 "C5'" B DG 16 ? ? "C4'" B DG 16 ? ? 1.556 1.512 0.044 0.007 N 
4 1 C5    B DT 20 ? ? C7    B DT 20 ? ? 1.540 1.496 0.044 0.006 N 
# 
loop_
_pdbx_validate_rmsd_angle.id 
_pdbx_validate_rmsd_angle.PDB_model_num 
_pdbx_validate_rmsd_angle.auth_atom_id_1 
_pdbx_validate_rmsd_angle.auth_asym_id_1 
_pdbx_validate_rmsd_angle.auth_comp_id_1 
_pdbx_validate_rmsd_angle.auth_seq_id_1 
_pdbx_validate_rmsd_angle.PDB_ins_code_1 
_pdbx_validate_rmsd_angle.label_alt_id_1 
_pdbx_validate_rmsd_angle.auth_atom_id_2 
_pdbx_validate_rmsd_angle.auth_asym_id_2 
_pdbx_validate_rmsd_angle.auth_comp_id_2 
_pdbx_validate_rmsd_angle.auth_seq_id_2 
_pdbx_validate_rmsd_angle.PDB_ins_code_2 
_pdbx_validate_rmsd_angle.label_alt_id_2 
_pdbx_validate_rmsd_angle.auth_atom_id_3 
_pdbx_validate_rmsd_angle.auth_asym_id_3 
_pdbx_validate_rmsd_angle.auth_comp_id_3 
_pdbx_validate_rmsd_angle.auth_seq_id_3 
_pdbx_validate_rmsd_angle.PDB_ins_code_3 
_pdbx_validate_rmsd_angle.label_alt_id_3 
_pdbx_validate_rmsd_angle.angle_value 
_pdbx_validate_rmsd_angle.angle_target_value 
_pdbx_validate_rmsd_angle.angle_deviation 
_pdbx_validate_rmsd_angle.angle_standard_deviation 
_pdbx_validate_rmsd_angle.linker_flag 
1  1 "O4'" A DG 1  ? ? "C1'" A DG 1  ? ? N9    A DG 1  ? ? 114.95 108.30 6.65  0.30 N 
2  1 "O4'" A DA 2  ? ? "C1'" A DA 2  ? ? N9    A DA 2  ? ? 111.46 108.30 3.16  0.30 N 
3  1 "O4'" A DA 3  ? ? "C1'" A DA 3  ? ? "C2'" A DA 3  ? ? 100.91 105.90 -4.99 0.80 N 
4  1 "O4'" A DT 5  ? ? "C1'" A DT 5  ? ? N1    A DT 5  ? ? 112.45 108.30 4.15  0.30 N 
5  1 "O4'" A DG 7  ? ? "C4'" A DG 7  ? ? "C3'" A DG 7  ? ? 110.61 106.00 4.61  0.60 N 
6  1 "O4'" A DG 7  ? ? "C1'" A DG 7  ? ? "C2'" A DG 7  ? ? 100.60 105.90 -5.30 0.80 N 
7  1 "O4'" A DT 8  ? ? "C1'" A DT 8  ? ? N1    A DT 8  ? ? 117.47 108.30 9.17  0.30 N 
8  1 C6    A DT 9  ? ? C5    A DT 9  ? ? C7    A DT 9  ? ? 118.54 122.90 -4.36 0.60 N 
9  1 "O4'" B DG 16 ? ? "C1'" B DG 16 ? ? N9    B DG 16 ? ? 114.96 108.30 6.66  0.30 N 
10 1 "O4'" B DA 17 ? ? "C1'" B DA 17 ? ? N9    B DA 17 ? ? 111.48 108.30 3.18  0.30 N 
11 1 "O4'" B DA 18 ? ? "C1'" B DA 18 ? ? "C2'" B DA 18 ? ? 100.88 105.90 -5.02 0.80 N 
12 1 "O4'" B DT 20 ? ? "C1'" B DT 20 ? ? N1    B DT 20 ? ? 112.43 108.30 4.13  0.30 N 
13 1 "O4'" B DG 22 ? ? "C4'" B DG 22 ? ? "C3'" B DG 22 ? ? 110.65 106.00 4.65  0.60 N 
14 1 "O4'" B DG 22 ? ? "C1'" B DG 22 ? ? "C2'" B DG 22 ? ? 100.56 105.90 -5.34 0.80 N 
15 1 "O4'" B DT 23 ? ? "C1'" B DT 23 ? ? N1    B DT 23 ? ? 117.48 108.30 9.18  0.30 N 
16 1 C6    B DT 24 ? ? C5    B DT 24 ? ? C7    B DT 24 ? ? 118.53 122.90 -4.37 0.60 N 
# 
_pdbx_nmr_ensemble.entry_id                                      1CYZ 
_pdbx_nmr_ensemble.conformers_calculated_total_number            11 
_pdbx_nmr_ensemble.conformers_submitted_total_number             1 
_pdbx_nmr_ensemble.conformer_selection_criteria                  'REFINED AVERAGE STRUCTURE' 
_pdbx_nmr_ensemble.average_constraints_per_residue               ? 
_pdbx_nmr_ensemble.average_constraint_violations_per_residue     ? 
_pdbx_nmr_ensemble.maximum_distance_constraint_violation         ? 
_pdbx_nmr_ensemble.average_distance_constraint_violation         ? 
_pdbx_nmr_ensemble.maximum_upper_distance_constraint_violation   ? 
_pdbx_nmr_ensemble.maximum_lower_distance_constraint_violation   ? 
_pdbx_nmr_ensemble.distance_constraint_violation_method          ? 
_pdbx_nmr_ensemble.maximum_torsion_angle_constraint_violation    ? 
_pdbx_nmr_ensemble.average_torsion_angle_constraint_violation    ? 
_pdbx_nmr_ensemble.torsion_angle_constraint_violation_method     ? 
# 
_pdbx_nmr_representative.entry_id             1CYZ 
_pdbx_nmr_representative.conformer_id         1 
_pdbx_nmr_representative.selection_criteria   'refined average structure' 
# 
_pdbx_nmr_sample_details.solution_id      1 
_pdbx_nmr_sample_details.contents         '1.5 MM DNA DUPLEX; 20 MM PHOSPHATE BUFFER; 100% D2O OR 90% H2O, 10% D2O' 
_pdbx_nmr_sample_details.solvent_system   ? 
# 
_pdbx_nmr_exptl_sample_conditions.conditions_id       1 
_pdbx_nmr_exptl_sample_conditions.temperature         275 
_pdbx_nmr_exptl_sample_conditions.pressure            AMBIENT 
_pdbx_nmr_exptl_sample_conditions.pH                  7 
_pdbx_nmr_exptl_sample_conditions.ionic_strength      'NO ADDITIONAL SALT' 
_pdbx_nmr_exptl_sample_conditions.pressure_units      ? 
_pdbx_nmr_exptl_sample_conditions.temperature_units   K 
# 
loop_
_pdbx_nmr_exptl.experiment_id 
_pdbx_nmr_exptl.conditions_id 
_pdbx_nmr_exptl.type 
_pdbx_nmr_exptl.solution_id 
1 1 '2D NOESY' 1 
2 1 TOCSY      1 
# 
_pdbx_nmr_details.entry_id   1CYZ 
_pdbx_nmr_details.text       'THIS STRUCTURE WAS DETERMINED USING 2D HOMONUCLEAR TECHNIQUES WITH BACK NOE CALCULATION' 
# 
_pdbx_nmr_refine.entry_id           1CYZ 
_pdbx_nmr_refine.method             'NOE-RESTRAINED CONJUGATE GRADIENT REFINEMENT IN X-PLOR; FULL MATRIX RELAXATION' 
_pdbx_nmr_refine.details            ? 
_pdbx_nmr_refine.software_ordinal   1 
# 
loop_
_pdbx_nmr_software.classification 
_pdbx_nmr_software.name 
_pdbx_nmr_software.version 
_pdbx_nmr_software.authors 
_pdbx_nmr_software.ordinal 
'data analysis' Felix  '1.1 AND 98' MSI     1 
refinement      X-PLOR 3.851        BRUNGER 2 
# 
loop_
_chem_comp_atom.comp_id 
_chem_comp_atom.atom_id 
_chem_comp_atom.type_symbol 
_chem_comp_atom.pdbx_aromatic_flag 
_chem_comp_atom.pdbx_stereo_config 
_chem_comp_atom.pdbx_ordinal 
AR1 CA     C N N 1   
AR1 OA     O N N 2   
AR1 N1     N N N 3   
AR1 C11    C Y N 4   
AR1 N21    N Y N 5   
AR1 C31    C Y N 6   
AR1 N41    N Y N 7   
AR1 CN1    C N N 8   
AR1 C51    C Y N 9   
AR1 C1     C N N 10  
AR1 O1     O N N 11  
AR1 N2     N N N 12  
AR1 C12    C Y N 13  
AR1 N22    N Y N 14  
AR1 C32    C Y N 15  
AR1 N42    N Y N 16  
AR1 CN2    C N N 17  
AR1 C52    C Y N 18  
AR1 C2     C N N 19  
AR1 O2     O N N 20  
AR1 N3     N N N 21  
AR1 C13    C Y N 22  
AR1 N23    N Y N 23  
AR1 C33    C Y N 24  
AR1 N43    N Y N 25  
AR1 CN3    C N N 26  
AR1 C53    C Y N 27  
AR1 C3     C N N 28  
AR1 O3     O N N 29  
AR1 NT     N N N 30  
AR1 C1T    C N N 31  
AR1 C2T    C N N 32  
AR1 N3T    N N N 33  
AR1 CNT    C N N 34  
AR1 CMT    C N N 35  
AR1 HA     H N N 36  
AR1 HN1    H N N 37  
AR1 HN11   H N N 38  
AR1 HN12   H N N 39  
AR1 HN13   H N N 40  
AR1 H51    H N N 41  
AR1 HN2    H N N 42  
AR1 HN21   H N N 43  
AR1 HN22   H N N 44  
AR1 HN23   H N N 45  
AR1 H52    H N N 46  
AR1 HN3    H N N 47  
AR1 HN31   H N N 48  
AR1 HN32   H N N 49  
AR1 HN33   H N N 50  
AR1 H53    H N N 51  
AR1 HT     H N N 52  
AR1 H1T1   H N N 53  
AR1 H1T2   H N N 54  
AR1 H2T1   H N N 55  
AR1 H2T2   H N N 56  
AR1 HNT    H N N 57  
AR1 HNT1   H N N 58  
AR1 HNT2   H N N 59  
AR1 HNT3   H N N 60  
AR1 HMT1   H N N 61  
AR1 HMT2   H N N 62  
AR1 HMT3   H N N 63  
DA  OP3    O N N 64  
DA  P      P N N 65  
DA  OP1    O N N 66  
DA  OP2    O N N 67  
DA  "O5'"  O N N 68  
DA  "C5'"  C N N 69  
DA  "C4'"  C N R 70  
DA  "O4'"  O N N 71  
DA  "C3'"  C N S 72  
DA  "O3'"  O N N 73  
DA  "C2'"  C N N 74  
DA  "C1'"  C N R 75  
DA  N9     N Y N 76  
DA  C8     C Y N 77  
DA  N7     N Y N 78  
DA  C5     C Y N 79  
DA  C6     C Y N 80  
DA  N6     N N N 81  
DA  N1     N Y N 82  
DA  C2     C Y N 83  
DA  N3     N Y N 84  
DA  C4     C Y N 85  
DA  HOP3   H N N 86  
DA  HOP2   H N N 87  
DA  "H5'"  H N N 88  
DA  "H5''" H N N 89  
DA  "H4'"  H N N 90  
DA  "H3'"  H N N 91  
DA  "HO3'" H N N 92  
DA  "H2'"  H N N 93  
DA  "H2''" H N N 94  
DA  "H1'"  H N N 95  
DA  H8     H N N 96  
DA  H61    H N N 97  
DA  H62    H N N 98  
DA  H2     H N N 99  
DC  OP3    O N N 100 
DC  P      P N N 101 
DC  OP1    O N N 102 
DC  OP2    O N N 103 
DC  "O5'"  O N N 104 
DC  "C5'"  C N N 105 
DC  "C4'"  C N R 106 
DC  "O4'"  O N N 107 
DC  "C3'"  C N S 108 
DC  "O3'"  O N N 109 
DC  "C2'"  C N N 110 
DC  "C1'"  C N R 111 
DC  N1     N N N 112 
DC  C2     C N N 113 
DC  O2     O N N 114 
DC  N3     N N N 115 
DC  C4     C N N 116 
DC  N4     N N N 117 
DC  C5     C N N 118 
DC  C6     C N N 119 
DC  HOP3   H N N 120 
DC  HOP2   H N N 121 
DC  "H5'"  H N N 122 
DC  "H5''" H N N 123 
DC  "H4'"  H N N 124 
DC  "H3'"  H N N 125 
DC  "HO3'" H N N 126 
DC  "H2'"  H N N 127 
DC  "H2''" H N N 128 
DC  "H1'"  H N N 129 
DC  H41    H N N 130 
DC  H42    H N N 131 
DC  H5     H N N 132 
DC  H6     H N N 133 
DG  OP3    O N N 134 
DG  P      P N N 135 
DG  OP1    O N N 136 
DG  OP2    O N N 137 
DG  "O5'"  O N N 138 
DG  "C5'"  C N N 139 
DG  "C4'"  C N R 140 
DG  "O4'"  O N N 141 
DG  "C3'"  C N S 142 
DG  "O3'"  O N N 143 
DG  "C2'"  C N N 144 
DG  "C1'"  C N R 145 
DG  N9     N Y N 146 
DG  C8     C Y N 147 
DG  N7     N Y N 148 
DG  C5     C Y N 149 
DG  C6     C N N 150 
DG  O6     O N N 151 
DG  N1     N N N 152 
DG  C2     C N N 153 
DG  N2     N N N 154 
DG  N3     N N N 155 
DG  C4     C Y N 156 
DG  HOP3   H N N 157 
DG  HOP2   H N N 158 
DG  "H5'"  H N N 159 
DG  "H5''" H N N 160 
DG  "H4'"  H N N 161 
DG  "H3'"  H N N 162 
DG  "HO3'" H N N 163 
DG  "H2'"  H N N 164 
DG  "H2''" H N N 165 
DG  "H1'"  H N N 166 
DG  H8     H N N 167 
DG  H1     H N N 168 
DG  H21    H N N 169 
DG  H22    H N N 170 
DT  OP3    O N N 171 
DT  P      P N N 172 
DT  OP1    O N N 173 
DT  OP2    O N N 174 
DT  "O5'"  O N N 175 
DT  "C5'"  C N N 176 
DT  "C4'"  C N R 177 
DT  "O4'"  O N N 178 
DT  "C3'"  C N S 179 
DT  "O3'"  O N N 180 
DT  "C2'"  C N N 181 
DT  "C1'"  C N R 182 
DT  N1     N N N 183 
DT  C2     C N N 184 
DT  O2     O N N 185 
DT  N3     N N N 186 
DT  C4     C N N 187 
DT  O4     O N N 188 
DT  C5     C N N 189 
DT  C7     C N N 190 
DT  C6     C N N 191 
DT  HOP3   H N N 192 
DT  HOP2   H N N 193 
DT  "H5'"  H N N 194 
DT  "H5''" H N N 195 
DT  "H4'"  H N N 196 
DT  "H3'"  H N N 197 
DT  "HO3'" H N N 198 
DT  "H2'"  H N N 199 
DT  "H2''" H N N 200 
DT  "H1'"  H N N 201 
DT  H3     H N N 202 
DT  H71    H N N 203 
DT  H72    H N N 204 
DT  H73    H N N 205 
DT  H6     H N N 206 
# 
loop_
_chem_comp_bond.comp_id 
_chem_comp_bond.atom_id_1 
_chem_comp_bond.atom_id_2 
_chem_comp_bond.value_order 
_chem_comp_bond.pdbx_aromatic_flag 
_chem_comp_bond.pdbx_stereo_config 
_chem_comp_bond.pdbx_ordinal 
AR1 CA    OA     doub N N 1   
AR1 CA    N1     sing N N 2   
AR1 CA    HA     sing N N 3   
AR1 N1    C11    sing N N 4   
AR1 N1    HN1    sing N N 5   
AR1 C11   N21    sing Y N 6   
AR1 C11   C51    doub Y N 7   
AR1 N21   C31    doub Y N 8   
AR1 C31   N41    sing Y N 9   
AR1 C31   C1     sing N N 10  
AR1 N41   CN1    sing N N 11  
AR1 N41   C51    sing Y N 12  
AR1 CN1   HN11   sing N N 13  
AR1 CN1   HN12   sing N N 14  
AR1 CN1   HN13   sing N N 15  
AR1 C51   H51    sing N N 16  
AR1 C1    O1     doub N N 17  
AR1 C1    N2     sing N N 18  
AR1 N2    C12    sing N N 19  
AR1 N2    HN2    sing N N 20  
AR1 C12   N22    sing Y N 21  
AR1 C12   C52    doub Y N 22  
AR1 N22   C32    doub Y N 23  
AR1 C32   N42    sing Y N 24  
AR1 C32   C2     sing N N 25  
AR1 N42   CN2    sing N N 26  
AR1 N42   C52    sing Y N 27  
AR1 CN2   HN21   sing N N 28  
AR1 CN2   HN22   sing N N 29  
AR1 CN2   HN23   sing N N 30  
AR1 C52   H52    sing N N 31  
AR1 C2    O2     doub N N 32  
AR1 C2    N3     sing N N 33  
AR1 N3    C13    sing N N 34  
AR1 N3    HN3    sing N N 35  
AR1 C13   N23    sing Y N 36  
AR1 C13   C53    doub Y N 37  
AR1 N23   C33    doub Y N 38  
AR1 C33   N43    sing Y N 39  
AR1 C33   C3     sing N N 40  
AR1 N43   CN3    sing N N 41  
AR1 N43   C53    sing Y N 42  
AR1 CN3   HN31   sing N N 43  
AR1 CN3   HN32   sing N N 44  
AR1 CN3   HN33   sing N N 45  
AR1 C53   H53    sing N N 46  
AR1 C3    O3     doub N N 47  
AR1 C3    NT     sing N N 48  
AR1 NT    C1T    sing N N 49  
AR1 NT    HT     sing N N 50  
AR1 C1T   C2T    sing N N 51  
AR1 C1T   H1T1   sing N N 52  
AR1 C1T   H1T2   sing N N 53  
AR1 C2T   N3T    sing N N 54  
AR1 C2T   H2T1   sing N N 55  
AR1 C2T   H2T2   sing N N 56  
AR1 N3T   CNT    sing N N 57  
AR1 N3T   CMT    sing N N 58  
AR1 N3T   HNT    sing N N 59  
AR1 CNT   HNT1   sing N N 60  
AR1 CNT   HNT2   sing N N 61  
AR1 CNT   HNT3   sing N N 62  
AR1 CMT   HMT1   sing N N 63  
AR1 CMT   HMT2   sing N N 64  
AR1 CMT   HMT3   sing N N 65  
DA  OP3   P      sing N N 66  
DA  OP3   HOP3   sing N N 67  
DA  P     OP1    doub N N 68  
DA  P     OP2    sing N N 69  
DA  P     "O5'"  sing N N 70  
DA  OP2   HOP2   sing N N 71  
DA  "O5'" "C5'"  sing N N 72  
DA  "C5'" "C4'"  sing N N 73  
DA  "C5'" "H5'"  sing N N 74  
DA  "C5'" "H5''" sing N N 75  
DA  "C4'" "O4'"  sing N N 76  
DA  "C4'" "C3'"  sing N N 77  
DA  "C4'" "H4'"  sing N N 78  
DA  "O4'" "C1'"  sing N N 79  
DA  "C3'" "O3'"  sing N N 80  
DA  "C3'" "C2'"  sing N N 81  
DA  "C3'" "H3'"  sing N N 82  
DA  "O3'" "HO3'" sing N N 83  
DA  "C2'" "C1'"  sing N N 84  
DA  "C2'" "H2'"  sing N N 85  
DA  "C2'" "H2''" sing N N 86  
DA  "C1'" N9     sing N N 87  
DA  "C1'" "H1'"  sing N N 88  
DA  N9    C8     sing Y N 89  
DA  N9    C4     sing Y N 90  
DA  C8    N7     doub Y N 91  
DA  C8    H8     sing N N 92  
DA  N7    C5     sing Y N 93  
DA  C5    C6     sing Y N 94  
DA  C5    C4     doub Y N 95  
DA  C6    N6     sing N N 96  
DA  C6    N1     doub Y N 97  
DA  N6    H61    sing N N 98  
DA  N6    H62    sing N N 99  
DA  N1    C2     sing Y N 100 
DA  C2    N3     doub Y N 101 
DA  C2    H2     sing N N 102 
DA  N3    C4     sing Y N 103 
DC  OP3   P      sing N N 104 
DC  OP3   HOP3   sing N N 105 
DC  P     OP1    doub N N 106 
DC  P     OP2    sing N N 107 
DC  P     "O5'"  sing N N 108 
DC  OP2   HOP2   sing N N 109 
DC  "O5'" "C5'"  sing N N 110 
DC  "C5'" "C4'"  sing N N 111 
DC  "C5'" "H5'"  sing N N 112 
DC  "C5'" "H5''" sing N N 113 
DC  "C4'" "O4'"  sing N N 114 
DC  "C4'" "C3'"  sing N N 115 
DC  "C4'" "H4'"  sing N N 116 
DC  "O4'" "C1'"  sing N N 117 
DC  "C3'" "O3'"  sing N N 118 
DC  "C3'" "C2'"  sing N N 119 
DC  "C3'" "H3'"  sing N N 120 
DC  "O3'" "HO3'" sing N N 121 
DC  "C2'" "C1'"  sing N N 122 
DC  "C2'" "H2'"  sing N N 123 
DC  "C2'" "H2''" sing N N 124 
DC  "C1'" N1     sing N N 125 
DC  "C1'" "H1'"  sing N N 126 
DC  N1    C2     sing N N 127 
DC  N1    C6     sing N N 128 
DC  C2    O2     doub N N 129 
DC  C2    N3     sing N N 130 
DC  N3    C4     doub N N 131 
DC  C4    N4     sing N N 132 
DC  C4    C5     sing N N 133 
DC  N4    H41    sing N N 134 
DC  N4    H42    sing N N 135 
DC  C5    C6     doub N N 136 
DC  C5    H5     sing N N 137 
DC  C6    H6     sing N N 138 
DG  OP3   P      sing N N 139 
DG  OP3   HOP3   sing N N 140 
DG  P     OP1    doub N N 141 
DG  P     OP2    sing N N 142 
DG  P     "O5'"  sing N N 143 
DG  OP2   HOP2   sing N N 144 
DG  "O5'" "C5'"  sing N N 145 
DG  "C5'" "C4'"  sing N N 146 
DG  "C5'" "H5'"  sing N N 147 
DG  "C5'" "H5''" sing N N 148 
DG  "C4'" "O4'"  sing N N 149 
DG  "C4'" "C3'"  sing N N 150 
DG  "C4'" "H4'"  sing N N 151 
DG  "O4'" "C1'"  sing N N 152 
DG  "C3'" "O3'"  sing N N 153 
DG  "C3'" "C2'"  sing N N 154 
DG  "C3'" "H3'"  sing N N 155 
DG  "O3'" "HO3'" sing N N 156 
DG  "C2'" "C1'"  sing N N 157 
DG  "C2'" "H2'"  sing N N 158 
DG  "C2'" "H2''" sing N N 159 
DG  "C1'" N9     sing N N 160 
DG  "C1'" "H1'"  sing N N 161 
DG  N9    C8     sing Y N 162 
DG  N9    C4     sing Y N 163 
DG  C8    N7     doub Y N 164 
DG  C8    H8     sing N N 165 
DG  N7    C5     sing Y N 166 
DG  C5    C6     sing N N 167 
DG  C5    C4     doub Y N 168 
DG  C6    O6     doub N N 169 
DG  C6    N1     sing N N 170 
DG  N1    C2     sing N N 171 
DG  N1    H1     sing N N 172 
DG  C2    N2     sing N N 173 
DG  C2    N3     doub N N 174 
DG  N2    H21    sing N N 175 
DG  N2    H22    sing N N 176 
DG  N3    C4     sing N N 177 
DT  OP3   P      sing N N 178 
DT  OP3   HOP3   sing N N 179 
DT  P     OP1    doub N N 180 
DT  P     OP2    sing N N 181 
DT  P     "O5'"  sing N N 182 
DT  OP2   HOP2   sing N N 183 
DT  "O5'" "C5'"  sing N N 184 
DT  "C5'" "C4'"  sing N N 185 
DT  "C5'" "H5'"  sing N N 186 
DT  "C5'" "H5''" sing N N 187 
DT  "C4'" "O4'"  sing N N 188 
DT  "C4'" "C3'"  sing N N 189 
DT  "C4'" "H4'"  sing N N 190 
DT  "O4'" "C1'"  sing N N 191 
DT  "C3'" "O3'"  sing N N 192 
DT  "C3'" "C2'"  sing N N 193 
DT  "C3'" "H3'"  sing N N 194 
DT  "O3'" "HO3'" sing N N 195 
DT  "C2'" "C1'"  sing N N 196 
DT  "C2'" "H2'"  sing N N 197 
DT  "C2'" "H2''" sing N N 198 
DT  "C1'" N1     sing N N 199 
DT  "C1'" "H1'"  sing N N 200 
DT  N1    C2     sing N N 201 
DT  N1    C6     sing N N 202 
DT  C2    O2     doub N N 203 
DT  C2    N3     sing N N 204 
DT  N3    C4     sing N N 205 
DT  N3    H3     sing N N 206 
DT  C4    O4     doub N N 207 
DT  C4    C5     sing N N 208 
DT  C5    C7     sing N N 209 
DT  C5    C6     doub N N 210 
DT  C7    H71    sing N N 211 
DT  C7    H72    sing N N 212 
DT  C7    H73    sing N N 213 
DT  C6    H6     sing N N 214 
# 
loop_
_ndb_struct_conf_na.entry_id 
_ndb_struct_conf_na.feature 
1CYZ 'double helix'         
1CYZ 'b-form double helix'  
1CYZ 'mismatched base pair' 
# 
loop_
_ndb_struct_na_base_pair.model_number 
_ndb_struct_na_base_pair.i_label_asym_id 
_ndb_struct_na_base_pair.i_label_comp_id 
_ndb_struct_na_base_pair.i_label_seq_id 
_ndb_struct_na_base_pair.i_symmetry 
_ndb_struct_na_base_pair.j_label_asym_id 
_ndb_struct_na_base_pair.j_label_comp_id 
_ndb_struct_na_base_pair.j_label_seq_id 
_ndb_struct_na_base_pair.j_symmetry 
_ndb_struct_na_base_pair.shear 
_ndb_struct_na_base_pair.stretch 
_ndb_struct_na_base_pair.stagger 
_ndb_struct_na_base_pair.buckle 
_ndb_struct_na_base_pair.propeller 
_ndb_struct_na_base_pair.opening 
_ndb_struct_na_base_pair.pair_number 
_ndb_struct_na_base_pair.pair_name 
_ndb_struct_na_base_pair.i_auth_asym_id 
_ndb_struct_na_base_pair.i_auth_seq_id 
_ndb_struct_na_base_pair.i_PDB_ins_code 
_ndb_struct_na_base_pair.j_auth_asym_id 
_ndb_struct_na_base_pair.j_auth_seq_id 
_ndb_struct_na_base_pair.j_PDB_ins_code 
_ndb_struct_na_base_pair.hbond_type_28 
_ndb_struct_na_base_pair.hbond_type_12 
1 A DG 1  1_555 B DC 10 1_555 -0.477 -0.029 -0.557 -18.277 -2.432  2.396  1  A_DG1:DC25_B  A 1  ? B 25 ? 19 1 
1 A DA 2  1_555 B DT 9  1_555 -0.244 -0.089 0.025  -16.527 13.974  3.147  2  A_DA2:DT24_B  A 2  ? B 24 ? 20 1 
1 A DA 3  1_555 B DT 8  1_555 -0.338 -0.139 -0.072 -6.924  -3.205  6.155  3  A_DA3:DT23_B  A 3  ? B 23 ? 20 1 
1 A DC 4  1_555 B DG 7  1_555 -0.112 -0.207 0.330  -7.131  -18.137 -6.604 4  A_DC4:DG22_B  A 4  ? B 22 ? 19 1 
1 A DT 5  1_555 B DG 6  1_555 2.349  -0.450 0.142  5.619   -4.908  -3.995 5  A_DT5:DG21_B  A 5  ? B 21 ? 28 ? 
1 A DG 6  1_555 B DT 5  1_555 -2.334 -0.461 0.143  -5.421  -4.973  -4.016 6  A_DG6:DT20_B  A 6  ? B 20 ? 28 ? 
1 A DG 7  1_555 B DC 4  1_555 0.112  -0.231 0.333  7.286   -18.264 -6.619 7  A_DG7:DC19_B  A 7  ? B 19 ? 19 1 
1 A DT 8  1_555 B DA 3  1_555 0.314  -0.158 -0.060 6.917   -3.389  6.150  8  A_DT8:DA18_B  A 8  ? B 18 ? 20 1 
1 A DT 9  1_555 B DA 2  1_555 0.201  -0.088 0.027  16.441  13.795  3.135  9  A_DT9:DA17_B  A 9  ? B 17 ? 20 1 
1 A DC 10 1_555 B DG 1  1_555 0.437  0.007  -0.551 18.071  -2.502  2.398  10 A_DC10:DG16_B A 10 ? B 16 ? 19 1 
# 
loop_
_ndb_struct_na_base_pair_step.model_number 
_ndb_struct_na_base_pair_step.i_label_asym_id_1 
_ndb_struct_na_base_pair_step.i_label_comp_id_1 
_ndb_struct_na_base_pair_step.i_label_seq_id_1 
_ndb_struct_na_base_pair_step.i_symmetry_1 
_ndb_struct_na_base_pair_step.j_label_asym_id_1 
_ndb_struct_na_base_pair_step.j_label_comp_id_1 
_ndb_struct_na_base_pair_step.j_label_seq_id_1 
_ndb_struct_na_base_pair_step.j_symmetry_1 
_ndb_struct_na_base_pair_step.i_label_asym_id_2 
_ndb_struct_na_base_pair_step.i_label_comp_id_2 
_ndb_struct_na_base_pair_step.i_label_seq_id_2 
_ndb_struct_na_base_pair_step.i_symmetry_2 
_ndb_struct_na_base_pair_step.j_label_asym_id_2 
_ndb_struct_na_base_pair_step.j_label_comp_id_2 
_ndb_struct_na_base_pair_step.j_label_seq_id_2 
_ndb_struct_na_base_pair_step.j_symmetry_2 
_ndb_struct_na_base_pair_step.shift 
_ndb_struct_na_base_pair_step.slide 
_ndb_struct_na_base_pair_step.rise 
_ndb_struct_na_base_pair_step.tilt 
_ndb_struct_na_base_pair_step.roll 
_ndb_struct_na_base_pair_step.twist 
_ndb_struct_na_base_pair_step.x_displacement 
_ndb_struct_na_base_pair_step.y_displacement 
_ndb_struct_na_base_pair_step.helical_rise 
_ndb_struct_na_base_pair_step.inclination 
_ndb_struct_na_base_pair_step.tip 
_ndb_struct_na_base_pair_step.helical_twist 
_ndb_struct_na_base_pair_step.step_number 
_ndb_struct_na_base_pair_step.step_name 
_ndb_struct_na_base_pair_step.i_auth_asym_id_1 
_ndb_struct_na_base_pair_step.i_auth_seq_id_1 
_ndb_struct_na_base_pair_step.i_PDB_ins_code_1 
_ndb_struct_na_base_pair_step.j_auth_asym_id_1 
_ndb_struct_na_base_pair_step.j_auth_seq_id_1 
_ndb_struct_na_base_pair_step.j_PDB_ins_code_1 
_ndb_struct_na_base_pair_step.i_auth_asym_id_2 
_ndb_struct_na_base_pair_step.i_auth_seq_id_2 
_ndb_struct_na_base_pair_step.i_PDB_ins_code_2 
_ndb_struct_na_base_pair_step.j_auth_asym_id_2 
_ndb_struct_na_base_pair_step.j_auth_seq_id_2 
_ndb_struct_na_base_pair_step.j_PDB_ins_code_2 
1 A DG 1 1_555 B DC 10 1_555 A DA 2  1_555 B DT 9 1_555 -0.074 -1.113 3.355 -2.960 -3.454  36.033 -1.283 -0.312 3.439 -5.556  
4.762  36.309 1 AA_DG1DA2:DT24DC25_BB  A 1 ? B 25 ? A 2  ? B 24 ? 
1 A DA 2 1_555 B DT 9  1_555 A DA 3  1_555 B DT 8 1_555 0.809  -0.927 3.306 0.200  15.614  29.658 -4.058 -1.374 2.523 28.178  
-0.361 33.436 2 AA_DA2DA3:DT23DT24_BB  A 2 ? B 24 ? A 3  ? B 23 ? 
1 A DA 3 1_555 B DT 8  1_555 A DC 4  1_555 B DG 7 1_555 -2.033 -0.175 3.260 -4.056 -13.064 36.919 1.360  2.521  3.329 -19.813 
6.152  39.289 3 AA_DA3DC4:DG22DT23_BB  A 3 ? B 23 ? A 4  ? B 22 ? 
1 A DC 4 1_555 B DG 7  1_555 A DT 5  1_555 B DG 6 1_555 0.491  0.513  2.981 0.360  1.240   34.432 0.690  -0.777 3.002 2.094   
-0.609 34.456 4 AA_DC4DT5:DG21DG22_BB  A 4 ? B 22 ? A 5  ? B 21 ? 
1 A DT 5 1_555 B DG 6  1_555 A DG 6  1_555 B DT 5 1_555 0.000  1.265  3.363 -0.005 -7.530  32.961 3.379  0.000  3.009 -13.060 
0.009  33.787 5 AA_DT5DG6:DT20DG21_BB  A 5 ? B 21 ? A 6  ? B 20 ? 
1 A DG 6 1_555 B DT 5  1_555 A DG 7  1_555 B DC 4 1_555 -0.491 0.513  2.981 -0.364 1.234   34.433 0.690  0.777  3.002 2.084   
0.614  34.456 6 AA_DG6DG7:DC19DT20_BB  A 6 ? B 20 ? A 7  ? B 19 ? 
1 A DG 7 1_555 B DC 4  1_555 A DT 8  1_555 B DA 3 1_555 2.033  -0.175 3.262 4.058  -13.065 36.928 1.360  -2.520 3.331 -19.812 
-6.153 39.297 7 AA_DG7DT8:DA18DC19_BB  A 7 ? B 19 ? A 8  ? B 18 ? 
1 A DT 8 1_555 B DA 3  1_555 A DT 9  1_555 B DA 2 1_555 -0.808 -0.927 3.305 -0.202 15.602  29.662 -4.056 1.374  2.523 28.157  
0.364  33.434 8 AA_DT8DT9:DA17DA18_BB  A 8 ? B 18 ? A 9  ? B 17 ? 
1 A DT 9 1_555 B DA 2  1_555 A DC 10 1_555 B DG 1 1_555 0.074  -1.114 3.356 2.962  -3.446  36.032 -1.285 0.312  3.439 -5.544  
-4.764 36.308 9 AA_DT9DC10:DG16DA17_BB A 9 ? B 17 ? A 10 ? B 16 ? 
# 
_pdbx_nmr_spectrometer.spectrometer_id   1 
_pdbx_nmr_spectrometer.model             INOVA 
_pdbx_nmr_spectrometer.manufacturer      Varian 
_pdbx_nmr_spectrometer.field_strength    750 
_pdbx_nmr_spectrometer.type              ? 
# 
_atom_sites.entry_id                    1CYZ 
_atom_sites.fract_transf_matrix[1][1]   1.000000 
_atom_sites.fract_transf_matrix[1][2]   0.000000 
_atom_sites.fract_transf_matrix[1][3]   0.000000 
_atom_sites.fract_transf_matrix[2][1]   0.000000 
_atom_sites.fract_transf_matrix[2][2]   1.000000 
_atom_sites.fract_transf_matrix[2][3]   0.000000 
_atom_sites.fract_transf_matrix[3][1]   0.000000 
_atom_sites.fract_transf_matrix[3][2]   0.000000 
_atom_sites.fract_transf_matrix[3][3]   1.000000 
_atom_sites.fract_transf_vector[1]      0.00000 
_atom_sites.fract_transf_vector[2]      0.00000 
_atom_sites.fract_transf_vector[3]      0.00000 
# 
loop_
_atom_type.symbol 
C 
H 
N 
O 
P 
# 
loop_
_atom_site.group_PDB 
_atom_site.id 
_atom_site.type_symbol 
_atom_site.label_atom_id 
_atom_site.label_alt_id 
_atom_site.label_comp_id 
_atom_site.label_asym_id 
_atom_site.label_entity_id 
_atom_site.label_seq_id 
_atom_site.pdbx_PDB_ins_code 
_atom_site.Cartn_x 
_atom_site.Cartn_y 
_atom_site.Cartn_z 
_atom_site.occupancy 
_atom_site.B_iso_or_equiv 
_atom_site.pdbx_formal_charge 
_atom_site.auth_seq_id 
_atom_site.auth_comp_id 
_atom_site.auth_asym_id 
_atom_site.auth_atom_id 
_atom_site.pdbx_PDB_model_num 
ATOM   1   O "O5'"  . DG  A 1 1  ? 22.112  2.440   -5.618  1.00 0.89 ? 1  DG  A "O5'"  1 
ATOM   2   C "C5'"  . DG  A 1 1  ? 21.032  3.362   -5.519  1.00 0.79 ? 1  DG  A "C5'"  1 
ATOM   3   C "C4'"  . DG  A 1 1  ? 19.845  2.788   -6.343  1.00 0.66 ? 1  DG  A "C4'"  1 
ATOM   4   O "O4'"  . DG  A 1 1  ? 19.494  1.490   -5.787  1.00 0.53 ? 1  DG  A "O4'"  1 
ATOM   5   C "C3'"  . DG  A 1 1  ? 18.520  3.597   -6.449  1.00 0.65 ? 1  DG  A "C3'"  1 
ATOM   6   O "O3'"  . DG  A 1 1  ? 18.008  3.590   -7.792  1.00 0.70 ? 1  DG  A "O3'"  1 
ATOM   7   C "C2'"  . DG  A 1 1  ? 17.630  2.832   -5.459  1.00 0.57 ? 1  DG  A "C2'"  1 
ATOM   8   C "C1'"  . DG  A 1 1  ? 18.062  1.368   -5.655  1.00 0.45 ? 1  DG  A "C1'"  1 
ATOM   9   N N9     . DG  A 1 1  ? 17.609  0.499   -4.547  1.00 0.42 ? 1  DG  A N9     1 
ATOM   10  C C8     . DG  A 1 1  ? 17.862  0.564   -3.205  1.00 0.49 ? 1  DG  A C8     1 
ATOM   11  N N7     . DG  A 1 1  ? 17.261  -0.359  -2.500  1.00 0.55 ? 1  DG  A N7     1 
ATOM   12  C C5     . DG  A 1 1  ? 16.559  -1.100  -3.453  1.00 0.50 ? 1  DG  A C5     1 
ATOM   13  C C6     . DG  A 1 1  ? 15.703  -2.239  -3.305  1.00 0.61 ? 1  DG  A C6     1 
ATOM   14  O O6     . DG  A 1 1  ? 15.359  -2.824  -2.278  1.00 0.73 ? 1  DG  A O6     1 
ATOM   15  N N1     . DG  A 1 1  ? 15.222  -2.679  -4.534  1.00 0.63 ? 1  DG  A N1     1 
ATOM   16  C C2     . DG  A 1 1  ? 15.492  -2.077  -5.749  1.00 0.60 ? 1  DG  A C2     1 
ATOM   17  N N2     . DG  A 1 1  ? 14.903  -2.587  -6.828  1.00 0.76 ? 1  DG  A N2     1 
ATOM   18  N N3     . DG  A 1 1  ? 16.287  -1.017  -5.884  1.00 0.49 ? 1  DG  A N3     1 
ATOM   19  C C4     . DG  A 1 1  ? 16.783  -0.585  -4.703  1.00 0.43 ? 1  DG  A C4     1 
ATOM   20  H "H5'"  . DG  A 1 1  ? 21.414  4.319   -5.892  1.00 0.90 ? 1  DG  A "H5'"  1 
ATOM   21  H "H5''" . DG  A 1 1  ? 20.842  3.464   -4.442  1.00 0.78 ? 1  DG  A "H5''" 1 
ATOM   22  H "H4'"  . DG  A 1 1  ? 20.202  2.625   -7.368  1.00 0.74 ? 1  DG  A "H4'"  1 
ATOM   23  H "H3'"  . DG  A 1 1  ? 18.614  4.674   -6.289  1.00 0.76 ? 1  DG  A "H3'"  1 
ATOM   24  H "H2'"  . DG  A 1 1  ? 17.867  3.190   -4.447  1.00 0.62 ? 1  DG  A "H2'"  1 
ATOM   25  H "H2''" . DG  A 1 1  ? 16.552  2.952   -5.615  1.00 0.64 ? 1  DG  A "H2''" 1 
ATOM   26  H "H1'"  . DG  A 1 1  ? 17.640  0.860   -6.537  1.00 0.46 ? 1  DG  A "H1'"  1 
ATOM   27  H H8     . DG  A 1 1  ? 18.515  1.335   -2.795  1.00 0.56 ? 1  DG  A H8     1 
ATOM   28  H H1     . DG  A 1 1  ? 14.634  -3.502  -4.527  1.00 0.72 ? 1  DG  A H1     1 
ATOM   29  H H21    . DG  A 1 1  ? 14.359  -3.438  -6.753  1.00 0.83 ? 1  DG  A H21    1 
ATOM   30  H H22    . DG  A 1 1  ? 14.971  -2.082  -7.701  1.00 0.85 ? 1  DG  A H22    1 
ATOM   31  H "HO5'" . DG  A 1 1  ? 21.768  1.582   -5.351  1.00 1.24 ? 1  DG  A "HO5'" 1 
ATOM   32  P P      . DA  A 1 2  ? 16.524  4.147   -8.127  1.00 0.83 ? 2  DA  A P      1 
ATOM   33  O OP1    . DA  A 1 2  ? 16.511  4.750   -9.478  1.00 1.03 ? 2  DA  A OP1    1 
ATOM   34  O OP2    . DA  A 1 2  ? 16.030  4.923   -6.964  1.00 1.04 ? 2  DA  A OP2    1 
ATOM   35  O "O5'"  . DA  A 1 2  ? 15.721  2.754   -8.212  1.00 0.59 ? 2  DA  A "O5'"  1 
ATOM   36  C "C5'"  . DA  A 1 2  ? 15.872  1.977   -9.411  1.00 0.46 ? 2  DA  A "C5'"  1 
ATOM   37  C "C4'"  . DA  A 1 2  ? 14.653  1.097   -9.706  1.00 0.32 ? 2  DA  A "C4'"  1 
ATOM   38  O "O4'"  . DA  A 1 2  ? 14.476  0.153   -8.629  1.00 0.38 ? 2  DA  A "O4'"  1 
ATOM   39  C "C3'"  . DA  A 1 2  ? 13.349  1.887   -9.891  1.00 0.31 ? 2  DA  A "C3'"  1 
ATOM   40  O "O3'"  . DA  A 1 2  ? 12.624  1.465   -11.057 1.00 0.34 ? 2  DA  A "O3'"  1 
ATOM   41  C "C2'"  . DA  A 1 2  ? 12.658  1.623   -8.561  1.00 0.31 ? 2  DA  A "C2'"  1 
ATOM   42  C "C1'"  . DA  A 1 2  ? 13.132  0.249   -8.135  1.00 0.32 ? 2  DA  A "C1'"  1 
ATOM   43  N N9     . DA  A 1 2  ? 13.083  0.090   -6.676  1.00 0.31 ? 2  DA  A N9     1 
ATOM   44  C C8     . DA  A 1 2  ? 13.754  0.783   -5.717  1.00 0.35 ? 2  DA  A C8     1 
ATOM   45  N N7     . DA  A 1 2  ? 13.535  0.373   -4.499  1.00 0.36 ? 2  DA  A N7     1 
ATOM   46  C C5     . DA  A 1 2  ? 12.623  -0.666  -4.674  1.00 0.32 ? 2  DA  A C5     1 
ATOM   47  C C6     . DA  A 1 2  ? 11.982  -1.536  -3.783  1.00 0.32 ? 2  DA  A C6     1 
ATOM   48  N N6     . DA  A 1 2  ? 12.181  -1.520  -2.466  1.00 0.36 ? 2  DA  A N6     1 
ATOM   49  N N1     . DA  A 1 2  ? 11.132  -2.432  -4.311  1.00 0.31 ? 2  DA  A N1     1 
ATOM   50  C C2     . DA  A 1 2  ? 10.945  -2.478  -5.628  1.00 0.29 ? 2  DA  A C2     1 
ATOM   51  N N3     . DA  A 1 2  ? 11.491  -1.717  -6.559  1.00 0.28 ? 2  DA  A N3     1 
ATOM   52  C C4     . DA  A 1 2  ? 12.333  -0.827  -5.998  1.00 0.29 ? 2  DA  A C4     1 
ATOM   53  H "H5'"  . DA  A 1 2  ? 16.768  1.364   -9.392  1.00 0.51 ? 2  DA  A "H5'"  1 
ATOM   54  H "H5''" . DA  A 1 2  ? 16.062  2.697   -10.192 1.00 0.56 ? 2  DA  A "H5''" 1 
ATOM   55  H "H4'"  . DA  A 1 2  ? 14.771  0.517   -10.620 1.00 0.36 ? 2  DA  A "H4'"  1 
ATOM   56  H "H3'"  . DA  A 1 2  ? 13.533  2.951   -10.063 1.00 0.36 ? 2  DA  A "H3'"  1 
ATOM   57  H "H2'"  . DA  A 1 2  ? 13.018  2.376   -7.873  1.00 0.32 ? 2  DA  A "H2'"  1 
ATOM   58  H "H2''" . DA  A 1 2  ? 11.573  1.668   -8.558  1.00 0.35 ? 2  DA  A "H2''" 1 
ATOM   59  H "H1'"  . DA  A 1 2  ? 12.515  -0.540  -8.542  1.00 0.37 ? 2  DA  A "H1'"  1 
ATOM   60  H H8     . DA  A 1 2  ? 14.401  1.603   -6.010  1.00 0.39 ? 2  DA  A H8     1 
ATOM   61  H H61    . DA  A 1 2  ? 11.712  -2.186  -1.870  1.00 0.36 ? 2  DA  A H61    1 
ATOM   62  H H62    . DA  A 1 2  ? 12.816  -0.847  -2.063  1.00 0.40 ? 2  DA  A H62    1 
ATOM   63  H H2     . DA  A 1 2  ? 10.262  -3.235  -6.010  1.00 0.31 ? 2  DA  A H2     1 
ATOM   64  P P      . DA  A 1 3  ? 11.214  2.166   -11.392 1.00 0.39 ? 3  DA  A P      1 
ATOM   65  O OP1    . DA  A 1 3  ? 10.740  1.738   -12.729 1.00 0.46 ? 3  DA  A OP1    1 
ATOM   66  O OP2    . DA  A 1 3  ? 11.298  3.606   -11.056 1.00 0.41 ? 3  DA  A OP2    1 
ATOM   67  O "O5'"  . DA  A 1 3  ? 10.302  1.418   -10.303 1.00 0.38 ? 3  DA  A "O5'"  1 
ATOM   68  C "C5'"  . DA  A 1 3  ? 9.961   0.050   -10.556 1.00 0.37 ? 3  DA  A "C5'"  1 
ATOM   69  C "C4'"  . DA  A 1 3  ? 8.850   -0.431  -9.670  1.00 0.35 ? 3  DA  A "C4'"  1 
ATOM   70  O "O4'"  . DA  A 1 3  ? 9.217   -0.502  -8.286  1.00 0.33 ? 3  DA  A "O4'"  1 
ATOM   71  C "C3'"  . DA  A 1 3  ? 7.641   0.482   -9.794  1.00 0.38 ? 3  DA  A "C3'"  1 
ATOM   72  O "O3'"  . DA  A 1 3  ? 6.488   -0.316  -9.965  1.00 0.49 ? 3  DA  A "O3'"  1 
ATOM   73  C "C2'"  . DA  A 1 3  ? 7.583   1.077   -8.420  1.00 0.37 ? 3  DA  A "C2'"  1 
ATOM   74  C "C1'"  . DA  A 1 3  ? 8.094   -0.057  -7.534  1.00 0.34 ? 3  DA  A "C1'"  1 
ATOM   75  N N9     . DA  A 1 3  ? 8.581   0.331   -6.201  1.00 0.33 ? 3  DA  A N9     1 
ATOM   76  C C8     . DA  A 1 3  ? 9.459   1.321   -5.883  1.00 0.35 ? 3  DA  A C8     1 
ATOM   77  N N7     . DA  A 1 3  ? 9.792   1.372   -4.626  1.00 0.37 ? 3  DA  A N7     1 
ATOM   78  C C5     . DA  A 1 3  ? 9.050   0.338   -4.058  1.00 0.35 ? 3  DA  A C5     1 
ATOM   79  C C6     . DA  A 1 3  ? 8.962   -0.166  -2.752  1.00 0.37 ? 3  DA  A C6     1 
ATOM   80  N N6     . DA  A 1 3  ? 9.685   0.286   -1.728  1.00 0.42 ? 3  DA  A N6     1 
ATOM   81  N N1     . DA  A 1 3  ? 8.103   -1.172  -2.541  1.00 0.37 ? 3  DA  A N1     1 
ATOM   82  C C2     . DA  A 1 3  ? 7.395   -1.669  -3.549  1.00 0.37 ? 3  DA  A C2     1 
ATOM   83  N N3     . DA  A 1 3  ? 7.418   -1.306  -4.823  1.00 0.36 ? 3  DA  A N3     1 
ATOM   84  C C4     . DA  A 1 3  ? 8.278   -0.277  -5.007  1.00 0.33 ? 3  DA  A C4     1 
ATOM   85  H "H5'"  . DA  A 1 3  ? 10.824  -0.598  -10.431 1.00 0.36 ? 3  DA  A "H5'"  1 
ATOM   86  H "H5''" . DA  A 1 3  ? 9.577   -0.033  -11.569 1.00 0.41 ? 3  DA  A "H5''" 1 
ATOM   87  H "H4'"  . DA  A 1 3  ? 8.533   -1.412  -10.009 1.00 0.35 ? 3  DA  A "H4'"  1 
ATOM   88  H "H3'"  . DA  A 1 3  ? 7.775   1.197   -10.617 1.00 0.38 ? 3  DA  A "H3'"  1 
ATOM   89  H "H2'"  . DA  A 1 3  ? 8.258   1.934   -8.431  1.00 0.36 ? 3  DA  A "H2'"  1 
ATOM   90  H "H2''" . DA  A 1 3  ? 6.559   1.359   -8.177  1.00 0.40 ? 3  DA  A "H2''" 1 
ATOM   91  H "H1'"  . DA  A 1 3  ? 7.385   -0.883  -7.475  1.00 0.33 ? 3  DA  A "H1'"  1 
ATOM   92  H H8     . DA  A 1 3  ? 9.830   1.993   -6.650  1.00 0.37 ? 3  DA  A H8     1 
ATOM   93  H H61    . DA  A 1 3  ? 9.590   -0.121  -0.808  1.00 0.42 ? 3  DA  A H61    1 
ATOM   94  H H62    . DA  A 1 3  ? 10.354  1.029   -1.873  1.00 0.48 ? 3  DA  A H62    1 
ATOM   95  H H2     . DA  A 1 3  ? 6.706   -2.476  -3.296  1.00 0.41 ? 3  DA  A H2     1 
ATOM   96  P P      . DC  A 1 4  ? 5.122   0.242   -10.575 1.00 0.38 ? 4  DC  A P      1 
ATOM   97  O OP1    . DC  A 1 4  ? 5.290   0.330   -12.042 1.00 0.57 ? 4  DC  A OP1    1 
ATOM   98  O OP2    . DC  A 1 4  ? 4.709   1.426   -9.786  1.00 0.44 ? 4  DC  A OP2    1 
ATOM   99  O "O5'"  . DC  A 1 4  ? 4.179   -0.989  -10.160 1.00 0.37 ? 4  DC  A "O5'"  1 
ATOM   100 C "C5'"  . DC  A 1 4  ? 4.717   -2.319  -10.163 1.00 0.31 ? 4  DC  A "C5'"  1 
ATOM   101 C "C4'"  . DC  A 1 4  ? 4.219   -3.202  -9.045  1.00 0.30 ? 4  DC  A "C4'"  1 
ATOM   102 O "O4'"  . DC  A 1 4  ? 4.705   -2.880  -7.737  1.00 0.31 ? 4  DC  A "O4'"  1 
ATOM   103 C "C3'"  . DC  A 1 4  ? 2.730   -3.238  -9.012  1.00 0.35 ? 4  DC  A "C3'"  1 
ATOM   104 O "O3'"  . DC  A 1 4  ? 2.287   -4.593  -8.993  1.00 0.41 ? 4  DC  A "O3'"  1 
ATOM   105 C "C2'"  . DC  A 1 4  ? 2.484   -2.281  -7.894  1.00 0.35 ? 4  DC  A "C2'"  1 
ATOM   106 C "C1'"  . DC  A 1 4  ? 3.566   -2.617  -6.912  1.00 0.34 ? 4  DC  A "C1'"  1 
ATOM   107 N N1     . DC  A 1 4  ? 3.923   -1.563  -5.957  1.00 0.35 ? 4  DC  A N1     1 
ATOM   108 C C2     . DC  A 1 4  ? 3.890   -1.830  -4.593  1.00 0.43 ? 4  DC  A C2     1 
ATOM   109 O O2     . DC  A 1 4  ? 3.514   -2.911  -4.145  1.00 0.49 ? 4  DC  A O2     1 
ATOM   110 N N3     . DC  A 1 4  ? 4.287   -0.854  -3.742  1.00 0.48 ? 4  DC  A N3     1 
ATOM   111 C C4     . DC  A 1 4  ? 4.703   0.338   -4.189  1.00 0.47 ? 4  DC  A C4     1 
ATOM   112 N N4     . DC  A 1 4  ? 5.085   1.259   -3.309  1.00 0.56 ? 4  DC  A N4     1 
ATOM   113 C C5     . DC  A 1 4  ? 4.732   0.637   -5.587  1.00 0.39 ? 4  DC  A C5     1 
ATOM   114 C C6     . DC  A 1 4  ? 4.300   -0.355  -6.437  1.00 0.33 ? 4  DC  A C6     1 
ATOM   115 H "H5'"  . DC  A 1 4  ? 5.791   -2.258  -10.006 1.00 0.30 ? 4  DC  A "H5'"  1 
ATOM   116 H "H5''" . DC  A 1 4  ? 4.453   -2.785  -11.101 1.00 0.35 ? 4  DC  A "H5''" 1 
ATOM   117 H "H4'"  . DC  A 1 4  ? 4.494   -4.228  -9.196  1.00 0.30 ? 4  DC  A "H4'"  1 
ATOM   118 H "H3'"  . DC  A 1 4  ? 2.240   -2.809  -9.859  1.00 0.40 ? 4  DC  A "H3'"  1 
ATOM   119 H "H2'"  . DC  A 1 4  ? 2.604   -1.280  -8.323  1.00 0.34 ? 4  DC  A "H2'"  1 
ATOM   120 H "H2''" . DC  A 1 4  ? 1.516   -2.391  -7.440  1.00 0.41 ? 4  DC  A "H2''" 1 
ATOM   121 H "H1'"  . DC  A 1 4  ? 3.166   -3.475  -6.406  1.00 0.41 ? 4  DC  A "H1'"  1 
ATOM   122 H H41    . DC  A 1 4  ? 5.284   1.010   -2.347  1.00 0.72 ? 4  DC  A H41    1 
ATOM   123 H H42    . DC  A 1 4  ? 5.296   2.191   -3.632  1.00 0.56 ? 4  DC  A H42    1 
ATOM   124 H H5     . DC  A 1 4  ? 5.072   1.571   -5.975  1.00 0.42 ? 4  DC  A H5     1 
ATOM   125 H H6     . DC  A 1 4  ? 4.238   -0.211  -7.495  1.00 0.31 ? 4  DC  A H6     1 
ATOM   126 P P      . DT  A 1 5  ? 0.908   -4.899  -9.769  1.00 0.44 ? 5  DT  A P      1 
ATOM   127 O OP1    . DT  A 1 5  ? 0.717   -6.365  -9.869  1.00 0.59 ? 5  DT  A OP1    1 
ATOM   128 O OP2    . DT  A 1 5  ? 0.829   -4.042  -10.975 1.00 0.46 ? 5  DT  A OP2    1 
ATOM   129 O "O5'"  . DT  A 1 5  ? -0.042  -4.286  -8.634  1.00 0.37 ? 5  DT  A "O5'"  1 
ATOM   130 C "C5'"  . DT  A 1 5  ? 0.050   -4.950  -7.379  1.00 0.34 ? 5  DT  A "C5'"  1 
ATOM   131 C "C4'"  . DT  A 1 5  ? -0.418  -4.168  -6.192  1.00 0.25 ? 5  DT  A "C4'"  1 
ATOM   132 O "O4'"  . DT  A 1 5  ? 0.478   -3.073  -5.941  1.00 0.23 ? 5  DT  A "O4'"  1 
ATOM   133 C "C3'"  . DT  A 1 5  ? -1.813  -3.643  -6.398  1.00 0.27 ? 5  DT  A "C3'"  1 
ATOM   134 O "O3'"  . DT  A 1 5  ? -2.696  -4.197  -5.411  1.00 0.31 ? 5  DT  A "O3'"  1 
ATOM   135 C "C2'"  . DT  A 1 5  ? -1.612  -2.164  -6.166  1.00 0.22 ? 5  DT  A "C2'"  1 
ATOM   136 C "C1'"  . DT  A 1 5  ? -0.325  -2.063  -5.341  1.00 0.17 ? 5  DT  A "C1'"  1 
ATOM   137 N N1     . DT  A 1 5  ? 0.366   -0.749  -5.283  1.00 0.17 ? 5  DT  A N1     1 
ATOM   138 C C2     . DT  A 1 5  ? 0.876   -0.310  -4.057  1.00 0.18 ? 5  DT  A C2     1 
ATOM   139 O O2     . DT  A 1 5  ? 0.764   -0.941  -3.003  1.00 0.18 ? 5  DT  A O2     1 
ATOM   140 N N3     . DT  A 1 5  ? 1.542   0.907   -4.086  1.00 0.22 ? 5  DT  A N3     1 
ATOM   141 C C4     . DT  A 1 5  ? 1.771   1.692   -5.202  1.00 0.25 ? 5  DT  A C4     1 
ATOM   142 O O4     . DT  A 1 5  ? 2.380   2.756   -5.098  1.00 0.31 ? 5  DT  A O4     1 
ATOM   143 C C5     . DT  A 1 5  ? 1.241   1.141   -6.430  1.00 0.22 ? 5  DT  A C5     1 
ATOM   144 C C7     . DT  A 1 5  ? 1.538   1.855   -7.762  1.00 0.27 ? 5  DT  A C7     1 
ATOM   145 C C6     . DT  A 1 5  ? 0.514   0.000   -6.415  1.00 0.19 ? 5  DT  A C6     1 
ATOM   146 H "H5'"  . DT  A 1 5  ? 1.083   -5.089  -7.146  1.00 0.33 ? 5  DT  A "H5'"  1 
ATOM   147 H "H5''" . DT  A 1 5  ? -0.434  -5.899  -7.508  1.00 0.44 ? 5  DT  A "H5''" 1 
ATOM   148 H "H4'"  . DT  A 1 5  ? -0.483  -4.846  -5.346  1.00 0.24 ? 5  DT  A "H4'"  1 
ATOM   149 H "H3'"  . DT  A 1 5  ? -1.984  -3.841  -7.461  1.00 0.35 ? 5  DT  A "H3'"  1 
ATOM   150 H "H2'"  . DT  A 1 5  ? -1.573  -1.743  -7.164  1.00 0.29 ? 5  DT  A "H2'"  1 
ATOM   151 H "H2''" . DT  A 1 5  ? -2.426  -1.699  -5.636  1.00 0.23 ? 5  DT  A "H2''" 1 
ATOM   152 H "H1'"  . DT  A 1 5  ? -0.538  -2.351  -4.323  1.00 0.15 ? 5  DT  A "H1'"  1 
ATOM   153 H H3     . DT  A 1 5  ? 1.901   1.252   -3.206  1.00 0.24 ? 5  DT  A H3     1 
ATOM   154 H H71    . DT  A 1 5  ? 0.616   2.130   -8.270  1.00 0.97 ? 5  DT  A H71    1 
ATOM   155 H H72    . DT  A 1 5  ? 2.127   1.201   -8.407  1.00 0.83 ? 5  DT  A H72    1 
ATOM   156 H H73    . DT  A 1 5  ? 2.127   2.755   -7.573  1.00 0.87 ? 5  DT  A H73    1 
ATOM   157 H H6     . DT  A 1 5  ? 0.018   -0.353  -7.295  1.00 0.20 ? 5  DT  A H6     1 
ATOM   158 P P      . DG  A 1 6  ? -4.122  -4.893  -5.692  1.00 0.46 ? 6  DG  A P      1 
ATOM   159 O OP1    . DG  A 1 6  ? -3.875  -6.124  -6.476  1.00 0.93 ? 6  DG  A OP1    1 
ATOM   160 O OP2    . DG  A 1 6  ? -5.059  -3.865  -6.197  1.00 0.92 ? 6  DG  A OP2    1 
ATOM   161 O "O5'"  . DG  A 1 6  ? -4.577  -5.311  -4.196  1.00 0.28 ? 6  DG  A "O5'"  1 
ATOM   162 C "C5'"  . DG  A 1 6  ? -3.966  -6.414  -3.514  1.00 0.25 ? 6  DG  A "C5'"  1 
ATOM   163 C "C4'"  . DG  A 1 6  ? -3.722  -6.170  -2.028  1.00 0.25 ? 6  DG  A "C4'"  1 
ATOM   164 O "O4'"  . DG  A 1 6  ? -2.842  -5.052  -1.827  1.00 0.27 ? 6  DG  A "O4'"  1 
ATOM   165 C "C3'"  . DG  A 1 6  ? -4.965  -5.954  -1.197  1.00 0.31 ? 6  DG  A "C3'"  1 
ATOM   166 O "O3'"  . DG  A 1 6  ? -4.983  -6.788  -0.029  1.00 0.34 ? 6  DG  A "O3'"  1 
ATOM   167 C "C2'"  . DG  A 1 6  ? -4.888  -4.470  -0.990  1.00 0.36 ? 6  DG  A "C2'"  1 
ATOM   168 C "C1'"  . DG  A 1 6  ? -3.437  -4.072  -0.965  1.00 0.31 ? 6  DG  A "C1'"  1 
ATOM   169 N N9     . DG  A 1 6  ? -3.164  -2.742  -1.573  1.00 0.40 ? 6  DG  A N9     1 
ATOM   170 C C8     . DG  A 1 6  ? -3.425  -2.412  -2.864  1.00 0.56 ? 6  DG  A C8     1 
ATOM   171 N N7     . DG  A 1 6  ? -3.031  -1.225  -3.224  1.00 0.60 ? 6  DG  A N7     1 
ATOM   172 C C5     . DG  A 1 6  ? -2.490  -0.695  -2.051  1.00 0.47 ? 6  DG  A C5     1 
ATOM   173 C C6     . DG  A 1 6  ? -1.886  0.579   -1.815  1.00 0.50 ? 6  DG  A C6     1 
ATOM   174 O O6     . DG  A 1 6  ? -1.688  1.499   -2.607  1.00 0.53 ? 6  DG  A O6     1 
ATOM   175 N N1     . DG  A 1 6  ? -1.490  0.730   -0.496  1.00 0.66 ? 6  DG  A N1     1 
ATOM   176 C C2     . DG  A 1 6  ? -1.674  -0.211  0.492   1.00 0.81 ? 6  DG  A C2     1 
ATOM   177 N N2     . DG  A 1 6  ? -1.360  0.185   1.720   1.00 1.22 ? 6  DG  A N2     1 
ATOM   178 N N3     . DG  A 1 6  ? -2.166  -1.433  0.258   1.00 0.63 ? 6  DG  A N3     1 
ATOM   179 C C4     . DG  A 1 6  ? -2.582  -1.604  -1.024  1.00 0.44 ? 6  DG  A C4     1 
ATOM   180 H "H5'"  . DG  A 1 6  ? -2.985  -6.564  -3.944  1.00 0.32 ? 6  DG  A "H5'"  1 
ATOM   181 H "H5''" . DG  A 1 6  ? -4.564  -7.316  -3.651  1.00 0.26 ? 6  DG  A "H5''" 1 
ATOM   182 H "H4'"  . DG  A 1 6  ? -3.249  -7.041  -1.597  1.00 0.29 ? 6  DG  A "H4'"  1 
ATOM   183 H "H3'"  . DG  A 1 6  ? -5.867  -6.200  -1.742  1.00 0.41 ? 6  DG  A "H3'"  1 
ATOM   184 H "H2'"  . DG  A 1 6  ? -5.318  -4.037  -1.884  1.00 0.46 ? 6  DG  A "H2'"  1 
ATOM   185 H "H2''" . DG  A 1 6  ? -5.366  -4.182  -0.071  1.00 0.40 ? 6  DG  A "H2''" 1 
ATOM   186 H "H1'"  . DG  A 1 6  ? -3.103  -4.135  0.057   1.00 0.31 ? 6  DG  A "H1'"  1 
ATOM   187 H H8     . DG  A 1 6  ? -3.938  -3.148  -3.482  1.00 0.67 ? 6  DG  A H8     1 
ATOM   188 H H1     . DG  A 1 6  ? -1.032  1.611   -0.287  1.00 0.74 ? 6  DG  A H1     1 
ATOM   189 H H21    . DG  A 1 6  ? -0.933  1.087   1.880   1.00 1.41 ? 6  DG  A H21    1 
ATOM   190 H H22    . DG  A 1 6  ? -1.652  -0.390  2.493   1.00 1.40 ? 6  DG  A H22    1 
ATOM   191 P P      . DG  A 1 7  ? -6.367  -7.141  0.742   1.00 0.47 ? 7  DG  A P      1 
ATOM   192 O OP1    . DG  A 1 7  ? -6.110  -8.284  1.648   1.00 0.62 ? 7  DG  A OP1    1 
ATOM   193 O OP2    . DG  A 1 7  ? -7.465  -7.220  -0.248  1.00 0.61 ? 7  DG  A OP2    1 
ATOM   194 O "O5'"  . DG  A 1 7  ? -6.563  -5.813  1.619   1.00 0.36 ? 7  DG  A "O5'"  1 
ATOM   195 C "C5'"  . DG  A 1 7  ? -5.606  -5.523  2.637   1.00 0.29 ? 7  DG  A "C5'"  1 
ATOM   196 C "C4'"  . DG  A 1 7  ? -5.623  -4.094  3.095   1.00 0.25 ? 7  DG  A "C4'"  1 
ATOM   197 O "O4'"  . DG  A 1 7  ? -5.185  -3.216  2.054   1.00 0.28 ? 7  DG  A "O4'"  1 
ATOM   198 C "C3'"  . DG  A 1 7  ? -6.940  -3.641  3.649   1.00 0.26 ? 7  DG  A "C3'"  1 
ATOM   199 O "O3'"  . DG  A 1 7  ? -6.944  -3.323  5.046   1.00 0.32 ? 7  DG  A "O3'"  1 
ATOM   200 C "C2'"  . DG  A 1 7  ? -7.176  -2.457  2.773   1.00 0.22 ? 7  DG  A "C2'"  1 
ATOM   201 C "C1'"  . DG  A 1 7  ? -5.829  -1.980  2.296   1.00 0.24 ? 7  DG  A "C1'"  1 
ATOM   202 N N9     . DG  A 1 7  ? -5.850  -1.248  1.011   1.00 0.23 ? 7  DG  A N9     1 
ATOM   203 C C8     . DG  A 1 7  ? -6.483  -1.594  -0.153  1.00 0.23 ? 7  DG  A C8     1 
ATOM   204 N N7     . DG  A 1 7  ? -6.374  -0.721  -1.109  1.00 0.23 ? 7  DG  A N7     1 
ATOM   205 C C5     . DG  A 1 7  ? -5.550  0.252   -0.559  1.00 0.22 ? 7  DG  A C5     1 
ATOM   206 C C6     . DG  A 1 7  ? -5.047  1.439   -1.136  1.00 0.24 ? 7  DG  A C6     1 
ATOM   207 O O6     . DG  A 1 7  ? -5.206  1.852   -2.276  1.00 0.28 ? 7  DG  A O6     1 
ATOM   208 N N1     . DG  A 1 7  ? -4.283  2.163   -0.245  1.00 0.24 ? 7  DG  A N1     1 
ATOM   209 C C2     . DG  A 1 7  ? -3.985  1.781   1.036   1.00 0.26 ? 7  DG  A C2     1 
ATOM   210 N N2     . DG  A 1 7  ? -3.231  2.635   1.718   1.00 0.32 ? 7  DG  A N2     1 
ATOM   211 N N3     . DG  A 1 7  ? -4.419  0.636   1.571   1.00 0.26 ? 7  DG  A N3     1 
ATOM   212 C C4     . DG  A 1 7  ? -5.214  -0.065  0.731   1.00 0.23 ? 7  DG  A C4     1 
ATOM   213 H "H5'"  . DG  A 1 7  ? -4.624  -5.638  2.219   1.00 0.29 ? 7  DG  A "H5'"  1 
ATOM   214 H "H5''" . DG  A 1 7  ? -5.734  -6.198  3.471   1.00 0.32 ? 7  DG  A "H5''" 1 
ATOM   215 H "H4'"  . DG  A 1 7  ? -4.997  -3.953  3.942   1.00 0.27 ? 7  DG  A "H4'"  1 
ATOM   216 H "H3'"  . DG  A 1 7  ? -7.666  -4.425  3.475   1.00 0.30 ? 7  DG  A "H3'"  1 
ATOM   217 H "H2'"  . DG  A 1 7  ? -7.707  -2.848  1.930   1.00 0.22 ? 7  DG  A "H2'"  1 
ATOM   218 H "H2''" . DG  A 1 7  ? -7.731  -1.705  3.303   1.00 0.24 ? 7  DG  A "H2''" 1 
ATOM   219 H "H1'"  . DG  A 1 7  ? -5.380  -1.423  3.111   1.00 0.27 ? 7  DG  A "H1'"  1 
ATOM   220 H H8     . DG  A 1 7  ? -7.017  -2.541  -0.253  1.00 0.24 ? 7  DG  A H8     1 
ATOM   221 H H1     . DG  A 1 7  ? -3.917  3.050   -0.563  1.00 0.25 ? 7  DG  A H1     1 
ATOM   222 H H21    . DG  A 1 7  ? -3.039  3.550   1.332   1.00 0.28 ? 7  DG  A H21    1 
ATOM   223 H H22    . DG  A 1 7  ? -2.912  2.384   2.642   1.00 0.42 ? 7  DG  A H22    1 
ATOM   224 P P      . DT  A 1 8  ? -8.350  -3.006  5.781   1.00 0.37 ? 8  DT  A P      1 
ATOM   225 O OP1    . DT  A 1 8  ? -8.229  -3.394  7.206   1.00 0.50 ? 8  DT  A OP1    1 
ATOM   226 O OP2    . DT  A 1 8  ? -9.430  -3.584  4.945   1.00 0.45 ? 8  DT  A OP2    1 
ATOM   227 O "O5'"  . DT  A 1 8  ? -8.424  -1.403  5.692   1.00 0.27 ? 8  DT  A "O5'"  1 
ATOM   228 C "C5'"  . DT  A 1 8  ? -7.354  -0.706  6.337   1.00 0.23 ? 8  DT  A "C5'"  1 
ATOM   229 C "C4'"  . DT  A 1 8  ? -6.915  0.578   5.632   1.00 0.21 ? 8  DT  A "C4'"  1 
ATOM   230 O "O4'"  . DT  A 1 8  ? -6.599  0.377   4.228   1.00 0.24 ? 8  DT  A "O4'"  1 
ATOM   231 C "C3'"  . DT  A 1 8  ? -7.921  1.732   5.675   1.00 0.21 ? 8  DT  A "C3'"  1 
ATOM   232 O "O3'"  . DT  A 1 8  ? -7.811  2.430   6.920   1.00 0.25 ? 8  DT  A "O3'"  1 
ATOM   233 C "C2'"  . DT  A 1 8  ? -7.324  2.588   4.565   1.00 0.22 ? 8  DT  A "C2'"  1 
ATOM   234 C "C1'"  . DT  A 1 8  ? -6.815  1.619   3.512   1.00 0.24 ? 8  DT  A "C1'"  1 
ATOM   235 N N1     . DT  A 1 8  ? -7.594  1.556   2.256   1.00 0.21 ? 8  DT  A N1     1 
ATOM   236 C C2     . DT  A 1 8  ? -7.282  2.461   1.256   1.00 0.24 ? 8  DT  A C2     1 
ATOM   237 O O2     . DT  A 1 8  ? -6.431  3.339   1.381   1.00 0.34 ? 8  DT  A O2     1 
ATOM   238 N N3     . DT  A 1 8  ? -7.969  2.315   0.079   1.00 0.24 ? 8  DT  A N3     1 
ATOM   239 C C4     . DT  A 1 8  ? -8.881  1.324   -0.218  1.00 0.23 ? 8  DT  A C4     1 
ATOM   240 O O4     . DT  A 1 8  ? -9.400  1.282   -1.332  1.00 0.28 ? 8  DT  A O4     1 
ATOM   241 C C5     . DT  A 1 8  ? -9.123  0.410   0.881   1.00 0.21 ? 8  DT  A C5     1 
ATOM   242 C C7     . DT  A 1 8  ? -10.007 -0.818  0.670   1.00 0.27 ? 8  DT  A C7     1 
ATOM   243 C C6     . DT  A 1 8  ? -8.551  0.622   2.083   1.00 0.20 ? 8  DT  A C6     1 
ATOM   244 H "H5'"  . DT  A 1 8  ? -6.478  -1.354  6.344   1.00 0.25 ? 8  DT  A "H5'"  1 
ATOM   245 H "H5''" . DT  A 1 8  ? -7.638  -0.533  7.378   1.00 0.24 ? 8  DT  A "H5''" 1 
ATOM   246 H "H4'"  . DT  A 1 8  ? -6.012  0.871   6.163   1.00 0.23 ? 8  DT  A "H4'"  1 
ATOM   247 H "H3'"  . DT  A 1 8  ? -8.946  1.413   5.510   1.00 0.24 ? 8  DT  A "H3'"  1 
ATOM   248 H "H2'"  . DT  A 1 8  ? -7.926  3.384   4.080   1.00 0.25 ? 8  DT  A "H2'"  1 
ATOM   249 H "H2''" . DT  A 1 8  ? -6.460  2.944   5.145   1.00 0.24 ? 8  DT  A "H2''" 1 
ATOM   250 H "H1'"  . DT  A 1 8  ? -5.883  1.991   3.088   1.00 0.31 ? 8  DT  A "H1'"  1 
ATOM   251 H H3     . DT  A 1 8  ? -7.775  3.011   -0.627  1.00 0.27 ? 8  DT  A H3     1 
ATOM   252 H H71    . DT  A 1 8  ? -10.842 -0.809  1.366   1.00 0.66 ? 8  DT  A H71    1 
ATOM   253 H H72    . DT  A 1 8  ? -9.406  -1.714  0.838   1.00 0.55 ? 8  DT  A H72    1 
ATOM   254 H H73    . DT  A 1 8  ? -10.368 -0.838  -0.357  1.00 0.60 ? 8  DT  A H73    1 
ATOM   255 H H6     . DT  A 1 8  ? -8.814  0.099   2.974   1.00 0.23 ? 8  DT  A H6     1 
ATOM   256 P P      . DT  A 1 9  ? -9.008  3.363   7.455   1.00 0.35 ? 9  DT  A P      1 
ATOM   257 O OP1    . DT  A 1 9  ? -8.738  3.644   8.883   1.00 0.49 ? 9  DT  A OP1    1 
ATOM   258 O OP2    . DT  A 1 9  ? -10.279 2.719   7.048   1.00 0.42 ? 9  DT  A OP2    1 
ATOM   259 O "O5'"  . DT  A 1 9  ? -8.829  4.726   6.619   1.00 0.36 ? 9  DT  A "O5'"  1 
ATOM   260 C "C5'"  . DT  A 1 9  ? -7.731  5.614   6.867   1.00 0.32 ? 9  DT  A "C5'"  1 
ATOM   261 C "C4'"  . DT  A 1 9  ? -7.953  6.986   6.237   1.00 0.29 ? 9  DT  A "C4'"  1 
ATOM   262 O "O4'"  . DT  A 1 9  ? -8.071  6.718   4.842   1.00 0.31 ? 9  DT  A "O4'"  1 
ATOM   263 C "C3'"  . DT  A 1 9  ? -9.214  7.684   6.710   1.00 0.34 ? 9  DT  A "C3'"  1 
ATOM   264 O "O3'"  . DT  A 1 9  ? -9.104  9.091   6.960   1.00 0.50 ? 9  DT  A "O3'"  1 
ATOM   265 C "C2'"  . DT  A 1 9  ? -10.177 7.358   5.589   1.00 0.31 ? 9  DT  A "C2'"  1 
ATOM   266 C "C1'"  . DT  A 1 9  ? -9.285  7.245   4.340   1.00 0.31 ? 9  DT  A "C1'"  1 
ATOM   267 N N1     . DT  A 1 9  ? -9.711  6.339   3.265   1.00 0.30 ? 9  DT  A N1     1 
ATOM   268 C C2     . DT  A 1 9  ? -9.694  6.796   1.959   1.00 0.39 ? 9  DT  A C2     1 
ATOM   269 O O2     . DT  A 1 9  ? -9.399  7.955   1.675   1.00 0.52 ? 9  DT  A O2     1 
ATOM   270 N N3     . DT  A 1 9  ? -10.026 5.873   0.999   1.00 0.37 ? 9  DT  A N3     1 
ATOM   271 C C4     . DT  A 1 9  ? -10.393 4.561   1.225   1.00 0.31 ? 9  DT  A C4     1 
ATOM   272 O O4     . DT  A 1 9  ? -10.679 3.828   0.281   1.00 0.33 ? 9  DT  A O4     1 
ATOM   273 C C5     . DT  A 1 9  ? -10.398 4.189   2.625   1.00 0.25 ? 9  DT  A C5     1 
ATOM   274 C C7     . DT  A 1 9  ? -10.758 2.779   3.048   1.00 0.25 ? 9  DT  A C7     1 
ATOM   275 C C6     . DT  A 1 9  ? -10.078 5.079   3.574   1.00 0.25 ? 9  DT  A C6     1 
ATOM   276 H "H5'"  . DT  A 1 9  ? -6.913  5.310   6.241   1.00 0.41 ? 9  DT  A "H5'"  1 
ATOM   277 H "H5''" . DT  A 1 9  ? -7.439  5.551   7.925   1.00 0.39 ? 9  DT  A "H5''" 1 
ATOM   278 H "H4'"  . DT  A 1 9  ? -7.111  7.672   6.334   1.00 0.35 ? 9  DT  A "H4'"  1 
ATOM   279 H "H3'"  . DT  A 1 9  ? -9.468  7.237   7.660   1.00 0.42 ? 9  DT  A "H3'"  1 
ATOM   280 H "H2'"  . DT  A 1 9  ? -10.794 6.499   5.885   1.00 0.34 ? 9  DT  A "H2'"  1 
ATOM   281 H "H2''" . DT  A 1 9  ? -10.819 8.201   5.452   1.00 0.35 ? 9  DT  A "H2''" 1 
ATOM   282 H "H1'"  . DT  A 1 9  ? -9.070  8.185   3.858   1.00 0.34 ? 9  DT  A "H1'"  1 
ATOM   283 H H3     . DT  A 1 9  ? -9.991  6.206   0.045   1.00 0.42 ? 9  DT  A H3     1 
ATOM   284 H H71    . DT  A 1 9  ? -11.627 2.817   3.700   1.00 0.63 ? 9  DT  A H71    1 
ATOM   285 H H72    . DT  A 1 9  ? -9.911  2.362   3.592   1.00 0.57 ? 9  DT  A H72    1 
ATOM   286 H H73    . DT  A 1 9  ? -10.962 2.179   2.162   1.00 0.59 ? 9  DT  A H73    1 
ATOM   287 H H6     . DT  A 1 9  ? -10.088 4.864   4.625   1.00 0.24 ? 9  DT  A H6     1 
ATOM   288 P P      . DC  A 1 10 ? -10.409 9.971   7.386   1.00 0.61 ? 10 DC  A P      1 
ATOM   289 O OP1    . DC  A 1 10 ? -9.979  11.022  8.334   1.00 0.89 ? 10 DC  A OP1    1 
ATOM   290 O OP2    . DC  A 1 10 ? -11.492 9.032   7.759   1.00 0.73 ? 10 DC  A OP2    1 
ATOM   291 O "O5'"  . DC  A 1 10 ? -10.797 10.660  5.972   1.00 0.37 ? 10 DC  A "O5'"  1 
ATOM   292 C "C5'"  . DC  A 1 10 ? -9.742  11.394  5.351   1.00 0.42 ? 10 DC  A "C5'"  1 
ATOM   293 C "C4'"  . DC  A 1 10 ? -10.025 12.008  3.975   1.00 0.42 ? 10 DC  A "C4'"  1 
ATOM   294 O "O4'"  . DC  A 1 10 ? -10.178 10.993  2.969   1.00 0.46 ? 10 DC  A "O4'"  1 
ATOM   295 C "C3'"  . DC  A 1 10 ? -11.186 13.018  3.838   1.00 0.43 ? 10 DC  A "C3'"  1 
ATOM   296 O "O3'"  . DC  A 1 10 ? -10.754 14.068  2.970   1.00 0.63 ? 10 DC  A "O3'"  1 
ATOM   297 C "C2'"  . DC  A 1 10 ? -12.194 12.151  3.075   1.00 0.50 ? 10 DC  A "C2'"  1 
ATOM   298 C "C1'"  . DC  A 1 10 ? -11.336 11.254  2.161   1.00 0.55 ? 10 DC  A "C1'"  1 
ATOM   299 N N1     . DC  A 1 10 ? -11.948 9.923   1.869   1.00 0.56 ? 10 DC  A N1     1 
ATOM   300 C C2     . DC  A 1 10 ? -12.136 9.536   0.543   1.00 0.78 ? 10 DC  A C2     1 
ATOM   301 O O2     . DC  A 1 10 ? -11.831 10.279  -0.385  1.00 1.06 ? 10 DC  A O2     1 
ATOM   302 N N3     . DC  A 1 10 ? -12.665 8.308   0.283   1.00 0.77 ? 10 DC  A N3     1 
ATOM   303 C C4     . DC  A 1 10 ? -12.978 7.455   1.268   1.00 0.60 ? 10 DC  A C4     1 
ATOM   304 N N4     . DC  A 1 10 ? -13.517 6.268   0.969   1.00 0.63 ? 10 DC  A N4     1 
ATOM   305 C C5     . DC  A 1 10 ? -12.750 7.804   2.634   1.00 0.57 ? 10 DC  A C5     1 
ATOM   306 C C6     . DC  A 1 10 ? -12.298 9.085   2.891   1.00 0.52 ? 10 DC  A C6     1 
ATOM   307 H "H5'"  . DC  A 1 10 ? -8.956  10.659  5.212   1.00 0.51 ? 10 DC  A "H5'"  1 
ATOM   308 H "H5''" . DC  A 1 10 ? -9.373  12.136  6.053   1.00 0.56 ? 10 DC  A "H5''" 1 
ATOM   309 H "H4'"  . DC  A 1 10 ? -9.117  12.526  3.684   1.00 0.56 ? 10 DC  A "H4'"  1 
ATOM   310 H "H3'"  . DC  A 1 10 ? -11.505 13.440  4.815   1.00 0.42 ? 10 DC  A "H3'"  1 
ATOM   311 H "HO3'" . DC  A 1 10 ? -11.481 14.689  2.887   1.00 0.91 ? 10 DC  A "HO3'" 1 
ATOM   312 H "H2'"  . DC  A 1 10 ? -12.720 11.570  3.834   1.00 0.47 ? 10 DC  A "H2'"  1 
ATOM   313 H "H2''" . DC  A 1 10 ? -12.897 12.702  2.433   1.00 0.71 ? 10 DC  A "H2''" 1 
ATOM   314 H "H1'"  . DC  A 1 10 ? -11.061 11.759  1.218   1.00 0.75 ? 10 DC  A "H1'"  1 
ATOM   315 H H41    . DC  A 1 10 ? -13.763 6.076   0.006   1.00 0.72 ? 10 DC  A H41    1 
ATOM   316 H H42    . DC  A 1 10 ? -13.691 5.578   1.689   1.00 0.64 ? 10 DC  A H42    1 
ATOM   317 H H5     . DC  A 1 10 ? -12.905 7.099   3.420   1.00 0.71 ? 10 DC  A H5     1 
ATOM   318 H H6     . DC  A 1 10 ? -12.233 9.432   3.904   1.00 0.60 ? 10 DC  A H6     1 
ATOM   319 O "O5'"  . DG  B 1 1  ? -18.772 9.155   -9.469  1.00 0.89 ? 16 DG  B "O5'"  1 
ATOM   320 C "C5'"  . DG  B 1 1  ? -17.590 8.584   -10.021 1.00 0.79 ? 16 DG  B "C5'"  1 
ATOM   321 C "C4'"  . DG  B 1 1  ? -16.372 9.272   -9.340  1.00 0.65 ? 16 DG  B "C4'"  1 
ATOM   322 O "O4'"  . DG  B 1 1  ? -16.463 9.036   -7.908  1.00 0.53 ? 16 DG  B "O4'"  1 
ATOM   323 C "C3'"  . DG  B 1 1  ? -14.930 8.875   -9.764  1.00 0.65 ? 16 DG  B "C3'"  1 
ATOM   324 O "O3'"  . DG  B 1 1  ? -14.089 10.032  -9.911  1.00 0.70 ? 16 DG  B "O3'"  1 
ATOM   325 C "C2'"  . DG  B 1 1  ? -14.517 7.973   -8.592  1.00 0.57 ? 16 DG  B "C2'"  1 
ATOM   326 C "C1'"  . DG  B 1 1  ? -15.177 8.651   -7.377  1.00 0.45 ? 16 DG  B "C1'"  1 
ATOM   327 N N9     . DG  B 1 1  ? -15.229 7.757   -6.200  1.00 0.42 ? 16 DG  B N9     1 
ATOM   328 C C8     . DG  B 1 1  ? -15.814 6.532   -6.038  1.00 0.50 ? 16 DG  B C8     1 
ATOM   329 N N7     . DG  B 1 1  ? -15.631 6.000   -4.857  1.00 0.55 ? 16 DG  B N7     1 
ATOM   330 C C5     . DG  B 1 1  ? -14.869 6.955   -4.178  1.00 0.51 ? 16 DG  B C5     1 
ATOM   331 C C6     . DG  B 1 1  ? -14.341 6.954   -2.847  1.00 0.62 ? 16 DG  B C6     1 
ATOM   332 O O6     . DG  B 1 1  ? -14.415 6.082   -1.982  1.00 0.74 ? 16 DG  B O6     1 
ATOM   333 N N1     . DG  B 1 1  ? -13.652 8.131   -2.570  1.00 0.64 ? 16 DG  B N1     1 
ATOM   334 C C2     . DG  B 1 1  ? -13.455 9.160   -3.471  1.00 0.60 ? 16 DG  B C2     1 
ATOM   335 N N2     . DG  B 1 1  ? -12.718 10.192  -3.067  1.00 0.76 ? 16 DG  B N2     1 
ATOM   336 N N3     . DG  B 1 1  ? -13.945 9.158   -4.711  1.00 0.49 ? 16 DG  B N3     1 
ATOM   337 C C4     . DG  B 1 1  ? -14.637 8.032   -4.993  1.00 0.43 ? 16 DG  B C4     1 
ATOM   338 H "H5'"  . DG  B 1 1  ? -17.649 8.750   -11.103 1.00 0.90 ? 16 DG  B "H5'"  1 
ATOM   339 H "H5''" . DG  B 1 1  ? -17.679 7.505   -9.832  1.00 0.78 ? 16 DG  B "H5''" 1 
ATOM   340 H "H4'"  . DG  B 1 1  ? -16.467 10.354  -9.506  1.00 0.74 ? 16 DG  B "H4'"  1 
ATOM   341 H "H3'"  . DG  B 1 1  ? -14.837 8.447   -10.766 1.00 0.75 ? 16 DG  B "H3'"  1 
ATOM   342 H "H2'"  . DG  B 1 1  ? -14.936 6.973   -8.773  1.00 0.62 ? 16 DG  B "H2'"  1 
ATOM   343 H "H2''" . DG  B 1 1  ? -13.437 7.865   -8.447  1.00 0.64 ? 16 DG  B "H2''" 1 
ATOM   344 H "H1'"  . DG  B 1 1  ? -14.650 9.531   -6.977  1.00 0.46 ? 16 DG  B "H1'"  1 
ATOM   345 H H8     . DG  B 1 1  ? -16.376 6.068   -6.849  1.00 0.57 ? 16 DG  B H8     1 
ATOM   346 H H1     . DG  B 1 1  ? -13.273 8.231   -1.638  1.00 0.73 ? 16 DG  B H1     1 
ATOM   347 H H21    . DG  B 1 1  ? -12.404 10.245  -2.107  1.00 0.83 ? 16 DG  B H21    1 
ATOM   348 H H22    . DG  B 1 1  ? -12.443 10.887  -3.749  1.00 0.85 ? 16 DG  B H22    1 
ATOM   349 H "HO5'" . DG  B 1 1  ? -18.699 9.070   -8.514  1.00 1.23 ? 16 DG  B "HO5'" 1 
ATOM   350 P P      . DA  B 1 2  ? -12.487 9.886   -10.104 1.00 0.83 ? 17 DA  B P      1 
ATOM   351 O OP1    . DA  B 1 2  ? -11.987 10.986  -10.960 1.00 1.03 ? 17 DA  B OP1    1 
ATOM   352 O OP2    . DA  B 1 2  ? -12.173 8.479   -10.447 1.00 1.04 ? 17 DA  B OP2    1 
ATOM   353 O "O5'"  . DA  B 1 2  ? -12.000 10.185  -8.599  1.00 0.59 ? 17 DA  B "O5'"  1 
ATOM   354 C "C5'"  . DA  B 1 2  ? -11.984 11.556  -8.171  1.00 0.45 ? 17 DA  B "C5'"  1 
ATOM   355 C "C4'"  . DA  B 1 2  ? -10.942 11.826  -7.079  1.00 0.31 ? 17 DA  B "C4'"  1 
ATOM   356 O "O4'"  . DA  B 1 2  ? -11.261 11.038  -5.914  1.00 0.37 ? 17 DA  B "O4'"  1 
ATOM   357 C "C3'"  . DA  B 1 2  ? -9.500  11.512  -7.508  1.00 0.31 ? 17 DA  B "C3'"  1 
ATOM   358 O "O3'"  . DA  B 1 2  ? -8.594  12.574  -7.170  1.00 0.34 ? 17 DA  B "O3'"  1 
ATOM   359 C "C2'"  . DA  B 1 2  ? -9.263  10.194  -6.787  1.00 0.30 ? 17 DA  B "C2'"  1 
ATOM   360 C "C1'"  . DA  B 1 2  ? -10.109 10.272  -5.534  1.00 0.31 ? 17 DA  B "C1'"  1 
ATOM   361 N N9     . DA  B 1 2  ? -10.487 8.935   -5.055  1.00 0.30 ? 17 DA  B N9     1 
ATOM   362 C C8     . DA  B 1 2  ? -11.231 7.982   -5.678  1.00 0.34 ? 17 DA  B C8     1 
ATOM   363 N N7     . DA  B 1 2  ? -11.438 6.907   -4.971  1.00 0.35 ? 17 DA  B N7     1 
ATOM   364 C C5     . DA  B 1 2  ? -10.749 7.169   -3.787  1.00 0.31 ? 17 DA  B C5     1 
ATOM   365 C C6     . DA  B 1 2  ? -10.567 6.442   -2.605  1.00 0.31 ? 17 DA  B C6     1 
ATOM   366 N N6     . DA  B 1 2  ? -11.104 5.242   -2.390  1.00 0.36 ? 17 DA  B N6     1 
ATOM   367 N N1     . DA  B 1 2  ? -9.813  7.009   -1.650  1.00 0.30 ? 17 DA  B N1     1 
ATOM   368 C C2     . DA  B 1 2  ? -9.293  8.220   -1.842  1.00 0.28 ? 17 DA  B C2     1 
ATOM   369 N N3     . DA  B 1 2  ? -9.398  8.996   -2.904  1.00 0.27 ? 17 DA  B N3     1 
ATOM   370 C C4     . DA  B 1 2  ? -10.156 8.398   -3.844  1.00 0.28 ? 17 DA  B C4     1 
ATOM   371 H "H5'"  . DA  B 1 2  ? -12.959 11.893  -7.834  1.00 0.51 ? 17 DA  B "H5'"  1 
ATOM   372 H "H5''" . DA  B 1 2  ? -11.802 12.131  -9.067  1.00 0.55 ? 17 DA  B "H5''" 1 
ATOM   373 H "H4'"  . DA  B 1 2  ? -10.929 12.868  -6.766  1.00 0.35 ? 17 DA  B "H4'"  1 
ATOM   374 H "H3'"  . DA  B 1 2  ? -9.406  11.418  -8.593  1.00 0.36 ? 17 DA  B "H3'"  1 
ATOM   375 H "H2'"  . DA  B 1 2  ? -9.628  9.415   -7.441  1.00 0.31 ? 17 DA  B "H2'"  1 
ATOM   376 H "H2''" . DA  B 1 2  ? -8.234  9.955   -6.535  1.00 0.34 ? 17 DA  B "H2''" 1 
ATOM   377 H "H1'"  . DA  B 1 2  ? -9.586  10.745  -4.715  1.00 0.36 ? 17 DA  B "H1'"  1 
ATOM   378 H H8     . DA  B 1 2  ? -11.589 8.164   -6.685  1.00 0.38 ? 17 DA  B H8     1 
ATOM   379 H H61    . DA  B 1 2  ? -10.962 4.770   -1.508  1.00 0.35 ? 17 DA  B H61    1 
ATOM   380 H H62    . DA  B 1 2  ? -11.669 4.808   -3.104  1.00 0.39 ? 17 DA  B H62    1 
ATOM   381 H H2     . DA  B 1 2  ? -8.706  8.646   -1.028  1.00 0.30 ? 17 DA  B H2     1 
ATOM   382 P P      . DA  B 1 3  ? -7.031  12.404  -7.520  1.00 0.39 ? 18 DA  B P      1 
ATOM   383 O OP1    . DA  B 1 3  ? -6.318  13.679  -7.280  1.00 0.47 ? 18 DA  B OP1    1 
ATOM   384 O OP2    . DA  B 1 3  ? -6.900  11.708  -8.820  1.00 0.41 ? 18 DA  B OP2    1 
ATOM   385 O "O5'"  . DA  B 1 3  ? -6.624  11.400  -6.336  1.00 0.38 ? 18 DA  B "O5'"  1 
ATOM   386 C "C5'"  . DA  B 1 3  ? -6.519  11.944  -5.014  1.00 0.37 ? 18 DA  B "C5'"  1 
ATOM   387 C "C4'"  . DA  B 1 3  ? -5.813  11.016  -4.071  1.00 0.35 ? 18 DA  B "C4'"  1 
ATOM   388 O "O4'"  . DA  B 1 3  ? -6.544  9.813   -3.804  1.00 0.32 ? 18 DA  B "O4'"  1 
ATOM   389 C "C3'"  . DA  B 1 3  ? -4.452  10.632  -4.628  1.00 0.38 ? 18 DA  B "C3'"  1 
ATOM   390 O "O3'"  . DA  B 1 3  ? -3.489  10.776  -3.604  1.00 0.49 ? 18 DA  B "O3'"  1 
ATOM   391 C "C2'"  . DA  B 1 3  ? -4.642  9.166   -4.873  1.00 0.37 ? 18 DA  B "C2'"  1 
ATOM   392 C "C1'"  . DA  B 1 3  ? -5.596  8.752   -3.754  1.00 0.33 ? 18 DA  B "C1'"  1 
ATOM   393 N N9     . DA  B 1 3  ? -6.331  7.494   -3.962  1.00 0.32 ? 18 DA  B N9     1 
ATOM   394 C C8     . DA  B 1 3  ? -7.035  7.104   -5.059  1.00 0.34 ? 18 DA  B C8     1 
ATOM   395 N N7     . DA  B 1 3  ? -7.674  5.978   -4.925  1.00 0.36 ? 18 DA  B N7     1 
ATOM   396 C C5     . DA  B 1 3  ? -7.345  5.579   -3.631  1.00 0.33 ? 18 DA  B C5     1 
ATOM   397 C C6     . DA  B 1 3  ? -7.717  4.473   -2.851  1.00 0.36 ? 18 DA  B C6     1 
ATOM   398 N N6     . DA  B 1 3  ? -8.578  3.535   -3.250  1.00 0.41 ? 18 DA  B N6     1 
ATOM   399 N N1     . DA  B 1 3  ? -7.176  4.377   -1.631  1.00 0.36 ? 18 DA  B N1     1 
ATOM   400 C C2     . DA  B 1 3  ? -6.344  5.313   -1.191  1.00 0.36 ? 18 DA  B C2     1 
ATOM   401 N N3     . DA  B 1 3  ? -5.948  6.412   -1.814  1.00 0.35 ? 18 DA  B N3     1 
ATOM   402 C C4     . DA  B 1 3  ? -6.493  6.479   -3.051  1.00 0.32 ? 18 DA  B C4     1 
ATOM   403 H "H5'"  . DA  B 1 3  ? -7.500  12.184  -4.612  1.00 0.36 ? 18 DA  B "H5'"  1 
ATOM   404 H "H5''" . DA  B 1 3  ? -5.905  12.839  -5.052  1.00 0.41 ? 18 DA  B "H5''" 1 
ATOM   405 H "H4'"  . DA  B 1 3  ? -5.629  11.541  -3.139  1.00 0.35 ? 18 DA  B "H4'"  1 
ATOM   406 H "H3'"  . DA  B 1 3  ? -4.208  11.234  -5.513  1.00 0.39 ? 18 DA  B "H3'"  1 
ATOM   407 H "H2'"  . DA  B 1 3  ? -5.094  9.079   -5.862  1.00 0.36 ? 18 DA  B "H2'"  1 
ATOM   408 H "H2''" . DA  B 1 3  ? -3.684  8.649   -4.808  1.00 0.40 ? 18 DA  B "H2''" 1 
ATOM   409 H "H1'"  . DA  B 1 3  ? -5.119  8.780   -2.772  1.00 0.33 ? 18 DA  B "H1'"  1 
ATOM   410 H H8     . DA  B 1 3  ? -7.038  7.715   -5.956  1.00 0.36 ? 18 DA  B H8     1 
ATOM   411 H H61    . DA  B 1 3  ? -8.820  2.765   -2.642  1.00 0.41 ? 18 DA  B H61    1 
ATOM   412 H H62    . DA  B 1 3  ? -9.012  3.605   -4.159  1.00 0.48 ? 18 DA  B H62    1 
ATOM   413 H H2     . DA  B 1 3  ? -5.933  5.156   -0.193  1.00 0.40 ? 18 DA  B H2     1 
ATOM   414 P P      . DC  B 1 4  ? -1.924  10.912  -3.892  1.00 0.38 ? 19 DC  B P      1 
ATOM   415 O OP1    . DC  B 1 4  ? -1.670  12.300  -4.337  1.00 0.57 ? 19 DC  B OP1    1 
ATOM   416 O OP2    . DC  B 1 4  ? -1.499  9.759   -4.719  1.00 0.45 ? 19 DC  B OP2    1 
ATOM   417 O "O5'"  . DC  B 1 4  ? -1.405  10.668  -2.392  1.00 0.38 ? 19 DC  B "O5'"  1 
ATOM   418 C "C5'"  . DC  B 1 4  ? -2.189  11.149  -1.290  1.00 0.31 ? 19 DC  B "C5'"  1 
ATOM   419 C "C4'"  . DC  B 1 4  ? -2.204  10.240  -0.086  1.00 0.31 ? 19 DC  B "C4'"  1 
ATOM   420 O "O4'"  . DC  B 1 4  ? -2.944  9.024   -0.235  1.00 0.31 ? 19 DC  B "O4'"  1 
ATOM   421 C "C3'"  . DC  B 1 4  ? -0.821  9.912   0.359   1.00 0.36 ? 19 DC  B "C3'"  1 
ATOM   422 O "O3'"  . DC  B 1 4  ? -0.692  10.178  1.753   1.00 0.42 ? 19 DC  B "O3'"  1 
ATOM   423 C "C2'"  . DC  B 1 4  ? -0.689  8.548   -0.231  1.00 0.35 ? 19 DC  B "C2'"  1 
ATOM   424 C "C1'"  . DC  B 1 4  ? -2.039  7.942   0.005   1.00 0.34 ? 19 DC  B "C1'"  1 
ATOM   425 N N1     . DC  B 1 4  ? -2.411  6.827   -0.874  1.00 0.34 ? 19 DC  B N1     1 
ATOM   426 C C2     . DC  B 1 4  ? -2.801  5.615   -0.319  1.00 0.43 ? 19 DC  B C2     1 
ATOM   427 O O2     . DC  B 1 4  ? -2.792  5.415   0.893   1.00 0.48 ? 19 DC  B O2     1 
ATOM   428 N N3     . DC  B 1 4  ? -3.198  4.628   -1.158  1.00 0.48 ? 19 DC  B N3     1 
ATOM   429 C C4     . DC  B 1 4  ? -3.220  4.805   -2.485  1.00 0.46 ? 19 DC  B C4     1 
ATOM   430 N N4     . DC  B 1 4  ? -3.624  3.804   -3.262  1.00 0.55 ? 19 DC  B N4     1 
ATOM   431 C C5     . DC  B 1 4  ? -2.812  6.040   -3.076  1.00 0.38 ? 19 DC  B C5     1 
ATOM   432 C C6     . DC  B 1 4  ? -2.385  7.023   -2.213  1.00 0.32 ? 19 DC  B C6     1 
ATOM   433 H "H5'"  . DC  B 1 4  ? -3.229  11.206  -1.603  1.00 0.30 ? 19 DC  B "H5'"  1 
ATOM   434 H "H5''" . DC  B 1 4  ? -1.786  12.104  -0.985  1.00 0.36 ? 19 DC  B "H5''" 1 
ATOM   435 H "H4'"  . DC  B 1 4  ? -2.638  10.723  0.771   1.00 0.30 ? 19 DC  B "H4'"  1 
ATOM   436 H "H3'"  . DC  B 1 4  ? -0.045  10.489  -0.093  1.00 0.41 ? 19 DC  B "H3'"  1 
ATOM   437 H "H2'"  . DC  B 1 4  ? -0.480  8.699   -1.295  1.00 0.35 ? 19 DC  B "H2'"  1 
ATOM   438 H "H2''" . DC  B 1 4  ? 0.074   7.953   0.233   1.00 0.42 ? 19 DC  B "H2''" 1 
ATOM   439 H "H1'"  . DC  B 1 4  ? -1.979  7.620   1.026   1.00 0.41 ? 19 DC  B "H1'"  1 
ATOM   440 H H41    . DC  B 1 4  ? -4.120  3.010   -2.874  1.00 0.72 ? 19 DC  B H41    1 
ATOM   441 H H42    . DC  B 1 4  ? -3.541  3.892   -4.263  1.00 0.56 ? 19 DC  B H42    1 
ATOM   442 H H5     . DC  B 1 4  ? -2.832  6.216   -4.129  1.00 0.41 ? 19 DC  B H5     1 
ATOM   443 H H6     . DC  B 1 4  ? -2.015  7.965   -2.557  1.00 0.30 ? 19 DC  B H6     1 
ATOM   444 P P      . DT  B 1 5  ? 0.750   10.706  2.244   1.00 0.45 ? 20 DT  B P      1 
ATOM   445 O OP1    . DT  B 1 5  ? 0.649   11.165  3.650   1.00 0.60 ? 20 DT  B OP1    1 
ATOM   446 O OP2    . DT  B 1 5  ? 1.326   11.585  1.201   1.00 0.48 ? 20 DT  B OP2    1 
ATOM   447 O "O5'"  . DT  B 1 5  ? 1.467   9.275   2.171   1.00 0.38 ? 20 DT  B "O5'"  1 
ATOM   448 C "C5'"  . DT  B 1 5  ? 0.905   8.300   3.043   1.00 0.35 ? 20 DT  B "C5'"  1 
ATOM   449 C "C4'"  . DT  B 1 5  ? 1.190   6.872   2.693   1.00 0.27 ? 20 DT  B "C4'"  1 
ATOM   450 O "O4'"  . DT  B 1 5  ? 0.510   6.521   1.477   1.00 0.23 ? 20 DT  B "O4'"  1 
ATOM   451 C "C3'"  . DT  B 1 5  ? 2.667   6.634   2.531   1.00 0.28 ? 20 DT  B "C3'"  1 
ATOM   452 O "O3'"  . DT  B 1 5  ? 3.118   5.678   3.504   1.00 0.32 ? 20 DT  B "O3'"  1 
ATOM   453 C "C2'"  . DT  B 1 5  ? 2.724   6.048   1.140   1.00 0.24 ? 20 DT  B "C2'"  1 
ATOM   454 C "C1'"  . DT  B 1 5  ? 1.316   5.513   0.876   1.00 0.18 ? 20 DT  B "C1'"  1 
ATOM   455 N N1     . DT  B 1 5  ? 0.923   5.237   -0.531  1.00 0.17 ? 20 DT  B N1     1 
ATOM   456 C C2     . DT  B 1 5  ? 0.207   4.070   -0.814  1.00 0.18 ? 20 DT  B C2     1 
ATOM   457 O O2     . DT  B 1 5  ? -0.102  3.232   0.035   1.00 0.18 ? 20 DT  B O2     1 
ATOM   458 N N3     . DT  B 1 5  ? -0.157  3.898   -2.142  1.00 0.22 ? 20 DT  B N3     1 
ATOM   459 C C4     . DT  B 1 5  ? 0.091   4.776   -3.183  1.00 0.25 ? 20 DT  B C4     1 
ATOM   460 O O4     . DT  B 1 5  ? -0.288  4.511   -4.323  1.00 0.31 ? 20 DT  B O4     1 
ATOM   461 C C5     . DT  B 1 5  ? 0.804   5.973   -2.789  1.00 0.23 ? 20 DT  B C5     1 
ATOM   462 C C7     . DT  B 1 5  ? 1.030   7.086   -3.829  1.00 0.28 ? 20 DT  B C7     1 
ATOM   463 C C6     . DT  B 1 5  ? 1.245   6.124   -1.519  1.00 0.20 ? 20 DT  B C6     1 
ATOM   464 H "H5'"  . DT  B 1 5  ? -0.157  8.332   2.946   1.00 0.33 ? 20 DT  B "H5'"  1 
ATOM   465 H "H5''" . DT  B 1 5  ? 1.197   8.584   4.037   1.00 0.45 ? 20 DT  B "H5''" 1 
ATOM   466 H "H4'"  . DT  B 1 5  ? 0.879   6.253   3.529   1.00 0.25 ? 20 DT  B "H4'"  1 
ATOM   467 H "H3'"  . DT  B 1 5  ? 3.072   7.651   2.533   1.00 0.36 ? 20 DT  B "H3'"  1 
ATOM   468 H "H2'"  . DT  B 1 5  ? 3.040   6.879   0.519   1.00 0.31 ? 20 DT  B "H2'"  1 
ATOM   469 H "H2''" . DT  B 1 5  ? 3.446   5.254   1.038   1.00 0.24 ? 20 DT  B "H2''" 1 
ATOM   470 H "H1'"  . DT  B 1 5  ? 1.181   4.593   1.425   1.00 0.16 ? 20 DT  B "H1'"  1 
ATOM   471 H H3     . DT  B 1 5  ? -0.659  3.052   -2.374  1.00 0.25 ? 20 DT  B H3     1 
ATOM   472 H H71    . DT  B 1 5  ? 2.093   7.296   -3.951  1.00 0.98 ? 20 DT  B H71    1 
ATOM   473 H H72    . DT  B 1 5  ? 0.514   7.994   -3.518  1.00 0.84 ? 20 DT  B H72    1 
ATOM   474 H H73    . DT  B 1 5  ? 0.616   6.782   -4.793  1.00 0.87 ? 20 DT  B H73    1 
ATOM   475 H H6     . DT  B 1 5  ? 1.872   6.945   -1.242  1.00 0.21 ? 20 DT  B H6     1 
ATOM   476 P P      . DG  B 1 6  ? 4.388   5.840   4.481   1.00 0.44 ? 21 DG  B P      1 
ATOM   477 O OP1    . DG  B 1 6  ? 4.109   6.967   5.399   1.00 0.90 ? 21 DG  B OP1    1 
ATOM   478 O OP2    . DG  B 1 6  ? 5.619   5.837   3.661   1.00 0.89 ? 21 DG  B OP2    1 
ATOM   479 O "O5'"  . DG  B 1 6  ? 4.329   4.457   5.319   1.00 0.27 ? 21 DG  B "O5'"  1 
ATOM   480 C "C5'"  . DG  B 1 6  ? 3.341   4.246   6.338   1.00 0.23 ? 21 DG  B "C5'"  1 
ATOM   481 C "C4'"  . DG  B 1 6  ? 2.764   2.836   6.365   1.00 0.24 ? 21 DG  B "C4'"  1 
ATOM   482 O "O4'"  . DG  B 1 6  ? 2.117   2.520   5.121   1.00 0.27 ? 21 DG  B "O4'"  1 
ATOM   483 C "C3'"  . DG  B 1 6  ? 3.755   1.739   6.678   1.00 0.31 ? 21 DG  B "C3'"  1 
ATOM   484 O "O3'"  . DG  B 1 6  ? 3.284   0.869   7.718   1.00 0.34 ? 21 DG  B "O3'"  1 
ATOM   485 C "C2'"  . DG  B 1 6  ? 3.937   1.151   5.308   1.00 0.36 ? 21 DG  B "C2'"  1 
ATOM   486 C "C1'"  . DG  B 1 6  ? 2.650   1.317   4.549   1.00 0.31 ? 21 DG  B "C1'"  1 
ATOM   487 N N9     . DG  B 1 6  ? 2.833   1.577   3.097   1.00 0.40 ? 21 DG  B N9     1 
ATOM   488 C C8     . DG  B 1 6  ? 3.493   2.644   2.578   1.00 0.56 ? 21 DG  B C8     1 
ATOM   489 N N7     . DG  B 1 6  ? 3.467   2.735   1.279   1.00 0.60 ? 21 DG  B N7     1 
ATOM   490 C C5     . DG  B 1 6  ? 2.755   1.600   0.890   1.00 0.46 ? 21 DG  B C5     1 
ATOM   491 C C6     . DG  B 1 6  ? 2.390   1.151   -0.417  1.00 0.50 ? 21 DG  B C6     1 
ATOM   492 O O6     . DG  B 1 6  ? 2.607   1.681   -1.506  1.00 0.53 ? 21 DG  B O6     1 
ATOM   493 N N1     . DG  B 1 6  ? 1.695   -0.048  -0.380  1.00 0.66 ? 21 DG  B N1     1 
ATOM   494 C C2     . DG  B 1 6  ? 1.406   -0.753  0.766   1.00 0.81 ? 21 DG  B C2     1 
ATOM   495 N N2     . DG  B 1 6  ? 0.864   -1.952  0.577   1.00 1.22 ? 21 DG  B N2     1 
ATOM   496 N N3     . DG  B 1 6  ? 1.678   -0.297  1.995   1.00 0.63 ? 21 DG  B N3     1 
ATOM   497 C C4     . DG  B 1 6  ? 2.375   0.866   1.991   1.00 0.44 ? 21 DG  B C4     1 
ATOM   498 H "H5'"  . DG  B 1 6  ? 2.502   4.894   6.125   1.00 0.30 ? 21 DG  B "H5'"  1 
ATOM   499 H "H5''" . DG  B 1 6  ? 3.751   4.501   7.315   1.00 0.25 ? 21 DG  B "H5''" 1 
ATOM   500 H "H4'"  . DG  B 1 6  ? 2.018   2.769   7.147   1.00 0.28 ? 21 DG  B "H4'"  1 
ATOM   501 H "H3'"  . DG  B 1 6  ? 4.697   2.135   7.035   1.00 0.41 ? 21 DG  B "H3'"  1 
ATOM   502 H "H2'"  . DG  B 1 6  ? 4.671   1.781   4.825   1.00 0.46 ? 21 DG  B "H2'"  1 
ATOM   503 H "H2''" . DG  B 1 6  ? 4.201   0.110   5.369   1.00 0.40 ? 21 DG  B "H2''" 1 
ATOM   504 H "H1'"  . DG  B 1 6  ? 2.045   0.446   4.740   1.00 0.31 ? 21 DG  B "H1'"  1 
ATOM   505 H H8     . DG  B 1 6  ? 3.988   3.321   3.271   1.00 0.67 ? 21 DG  B H8     1 
ATOM   506 H H1     . DG  B 1 6  ? 1.392   -0.393  -1.285  1.00 0.74 ? 21 DG  B H1     1 
ATOM   507 H H21    . DG  B 1 6  ? 0.609   -2.263  -0.350  1.00 1.41 ? 21 DG  B H21    1 
ATOM   508 H H22    . DG  B 1 6  ? 0.811   -2.579  1.362   1.00 1.40 ? 21 DG  B H22    1 
ATOM   509 P P      . DG  B 1 7  ? 4.305   -0.042  8.590   1.00 0.48 ? 22 DG  B P      1 
ATOM   510 O OP1    . DG  B 1 7  ? 3.582   -0.523  9.790   1.00 0.63 ? 22 DG  B OP1    1 
ATOM   511 O OP2    . DG  B 1 7  ? 5.586   0.683   8.746   1.00 0.62 ? 22 DG  B OP2    1 
ATOM   512 O "O5'"  . DG  B 1 7  ? 4.533   -1.273  7.587   1.00 0.37 ? 22 DG  B "O5'"  1 
ATOM   513 C "C5'"  . DG  B 1 7  ? 3.419   -2.111  7.277   1.00 0.30 ? 22 DG  B "C5'"  1 
ATOM   514 C "C4'"  . DG  B 1 7  ? 3.613   -2.938  6.041   1.00 0.25 ? 22 DG  B "C4'"  1 
ATOM   515 O "O4'"  . DG  B 1 7  ? 3.663   -2.114  4.873   1.00 0.27 ? 22 DG  B "O4'"  1 
ATOM   516 C "C3'"  . DG  B 1 7  ? 4.797   -3.856  6.091   1.00 0.26 ? 22 DG  B "C3'"  1 
ATOM   517 O "O3'"  . DG  B 1 7  ? 4.492   -5.257  6.096   1.00 0.32 ? 22 DG  B "O3'"  1 
ATOM   518 C "C2'"  . DG  B 1 7  ? 5.501   -3.408  4.854   1.00 0.23 ? 22 DG  B "C2'"  1 
ATOM   519 C "C1'"  . DG  B 1 7  ? 4.463   -2.815  3.939   1.00 0.24 ? 22 DG  B "C1'"  1 
ATOM   520 N N9     . DG  B 1 7  ? 4.978   -1.815  2.980   1.00 0.23 ? 22 DG  B N9     1 
ATOM   521 C C8     . DG  B 1 7  ? 5.814   -0.758  3.224   1.00 0.23 ? 22 DG  B C8     1 
ATOM   522 N N7     . DG  B 1 7  ? 6.150   -0.079  2.167   1.00 0.24 ? 22 DG  B N7     1 
ATOM   523 C C5     . DG  B 1 7  ? 5.430   -0.693  1.151   1.00 0.23 ? 22 DG  B C5     1 
ATOM   524 C C6     . DG  B 1 7  ? 5.360   -0.377  -0.224  1.00 0.24 ? 22 DG  B C6     1 
ATOM   525 O O6     . DG  B 1 7  ? 5.901   0.547   -0.815  1.00 0.28 ? 22 DG  B O6     1 
ATOM   526 N N1     . DG  B 1 7  ? 4.554   -1.256  -0.915  1.00 0.24 ? 22 DG  B N1     1 
ATOM   527 C C2     . DG  B 1 7  ? 3.851   -2.291  -0.361  1.00 0.26 ? 22 DG  B C2     1 
ATOM   528 N N2     . DG  B 1 7  ? 3.137   -3.011  -1.217  1.00 0.32 ? 22 DG  B N2     1 
ATOM   529 N N3     . DG  B 1 7  ? 3.875   -2.566  0.947   1.00 0.25 ? 22 DG  B N3     1 
ATOM   530 C C4     . DG  B 1 7  ? 4.703   -1.748  1.637   1.00 0.23 ? 22 DG  B C4     1 
ATOM   531 H "H5'"  . DG  B 1 7  ? 2.581   -1.485  7.030   1.00 0.30 ? 22 DG  B "H5'"  1 
ATOM   532 H "H5''" . DG  B 1 7  ? 3.173   -2.735  8.125   1.00 0.32 ? 22 DG  B "H5''" 1 
ATOM   533 H "H4'"  . DG  B 1 7  ? 2.827   -3.642  5.922   1.00 0.26 ? 22 DG  B "H4'"  1 
ATOM   534 H "H3'"  . DG  B 1 7  ? 5.360   -3.626  6.986   1.00 0.30 ? 22 DG  B "H3'"  1 
ATOM   535 H "H2'"  . DG  B 1 7  ? 6.144   -2.619  5.182   1.00 0.23 ? 22 DG  B "H2'"  1 
ATOM   536 H "H2''" . DG  B 1 7  ? 6.037   -4.228  4.413   1.00 0.24 ? 22 DG  B "H2''" 1 
ATOM   537 H "H1'"  . DG  B 1 7  ? 3.937   -3.641  3.471   1.00 0.26 ? 22 DG  B "H1'"  1 
ATOM   538 H H8     . DG  B 1 7  ? 6.144   -0.511  4.234   1.00 0.24 ? 22 DG  B H8     1 
ATOM   539 H H1     . DG  B 1 7  ? 4.480   -1.127  -1.916  1.00 0.24 ? 22 DG  B H1     1 
ATOM   540 H H21    . DG  B 1 7  ? 3.251   -2.862  -2.211  1.00 0.28 ? 22 DG  B H21    1 
ATOM   541 H H22    . DG  B 1 7  ? 2.537   -3.743  -0.868  1.00 0.42 ? 22 DG  B H22    1 
ATOM   542 P P      . DT  B 1 8  ? 5.684   -6.324  6.338   1.00 0.37 ? 23 DT  B P      1 
ATOM   543 O OP1    . DT  B 1 8  ? 5.108   -7.530  6.978   1.00 0.50 ? 23 DT  B OP1    1 
ATOM   544 O OP2    . DT  B 1 8  ? 6.803   -5.602  6.991   1.00 0.45 ? 23 DT  B OP2    1 
ATOM   545 O "O5'"  . DT  B 1 8  ? 6.113   -6.699  4.835   1.00 0.27 ? 23 DT  B "O5'"  1 
ATOM   546 C "C5'"  . DT  B 1 8  ? 5.079   -7.276  4.032   1.00 0.23 ? 23 DT  B "C5'"  1 
ATOM   547 C "C4'"  . DT  B 1 8  ? 5.122   -6.877  2.555   1.00 0.21 ? 23 DT  B "C4'"  1 
ATOM   548 O "O4'"  . DT  B 1 8  ? 5.160   -5.439  2.355   1.00 0.23 ? 23 DT  B "O4'"  1 
ATOM   549 C "C3'"  . DT  B 1 8  ? 6.299   -7.444  1.754   1.00 0.20 ? 23 DT  B "C3'"  1 
ATOM   550 O "O3'"  . DT  B 1 8  ? 6.007   -8.782  1.339   1.00 0.25 ? 23 DT  B "O3'"  1 
ATOM   551 C "C2'"  . DT  B 1 8  ? 6.213   -6.515  0.551   1.00 0.22 ? 23 DT  B "C2'"  1 
ATOM   552 C "C1'"  . DT  B 1 8  ? 5.815   -5.154  1.093   1.00 0.23 ? 23 DT  B "C1'"  1 
ATOM   553 N N1     . DT  B 1 8  ? 6.870   -4.118  1.091   1.00 0.21 ? 23 DT  B N1     1 
ATOM   554 C C2     . DT  B 1 8  ? 7.035   -3.364  -0.060  1.00 0.24 ? 23 DT  B C2     1 
ATOM   555 O O2     . DT  B 1 8  ? 6.385   -3.549  -1.086  1.00 0.33 ? 23 DT  B O2     1 
ATOM   556 N N3     . DT  B 1 8  ? 7.966   -2.361  0.007   1.00 0.23 ? 23 DT  B N3     1 
ATOM   557 C C4     . DT  B 1 8  ? 8.695   -1.997  1.119   1.00 0.23 ? 23 DT  B C4     1 
ATOM   558 O O4     . DT  B 1 8  ? 9.474   -1.047  1.058   1.00 0.28 ? 23 DT  B O4     1 
ATOM   559 C C5     . DT  B 1 8  ? 8.439   -2.826  2.280   1.00 0.21 ? 23 DT  B C5     1 
ATOM   560 C C7     . DT  B 1 8  ? 9.071   -2.471  3.626   1.00 0.27 ? 23 DT  B C7     1 
ATOM   561 C C6     . DT  B 1 8  ? 7.623   -3.895  2.188   1.00 0.20 ? 23 DT  B C6     1 
ATOM   562 H "H5'"  . DT  B 1 8  ? 4.116   -6.925  4.404   1.00 0.25 ? 23 DT  B "H5'"  1 
ATOM   563 H "H5''" . DT  B 1 8  ? 5.102   -8.360  4.170   1.00 0.24 ? 23 DT  B "H5''" 1 
ATOM   564 H "H4'"  . DT  B 1 8  ? 4.192   -7.273  2.151   1.00 0.23 ? 23 DT  B "H4'"  1 
ATOM   565 H "H3'"  . DT  B 1 8  ? 7.241   -7.412  2.295   1.00 0.24 ? 23 DT  B "H3'"  1 
ATOM   566 H "H2'"  . DT  B 1 8  ? 7.077   -6.402  -0.135  1.00 0.24 ? 23 DT  B "H2'"  1 
ATOM   567 H "H2''" . DT  B 1 8  ? 5.318   -6.979  0.111   1.00 0.23 ? 23 DT  B "H2''" 1 
ATOM   568 H "H1'"  . DT  B 1 8  ? 5.131   -4.667  0.399   1.00 0.30 ? 23 DT  B "H1'"  1 
ATOM   569 H H3     . DT  B 1 8  ? 8.117   -1.851  -0.851  1.00 0.26 ? 23 DT  B H3     1 
ATOM   570 H H71    . DT  B 1 8  ? 9.676   -3.299  3.992   1.00 0.66 ? 23 DT  B H71    1 
ATOM   571 H H72    . DT  B 1 8  ? 8.276   -2.257  4.340   1.00 0.55 ? 23 DT  B H72    1 
ATOM   572 H H73    . DT  B 1 8  ? 9.685   -1.577  3.518   1.00 0.59 ? 23 DT  B H73    1 
ATOM   573 H H6     . DT  B 1 8  ? 7.523   -4.641  2.941   1.00 0.23 ? 23 DT  B H6     1 
ATOM   574 P P      . DT  B 1 9  ? 7.184   -9.789  0.903   1.00 0.35 ? 24 DT  B P      1 
ATOM   575 O OP1    . DT  B 1 9  ? 6.606   -11.151 0.876   1.00 0.49 ? 24 DT  B OP1    1 
ATOM   576 O OP2    . DT  B 1 9  ? 8.355   -9.491  1.763   1.00 0.43 ? 24 DT  B OP2    1 
ATOM   577 O "O5'"  . DT  B 1 9  ? 7.526   -9.344  -0.605  1.00 0.37 ? 24 DT  B "O5'"  1 
ATOM   578 C "C5'"  . DT  B 1 9  ? 6.611   -9.596  -1.683  1.00 0.32 ? 24 DT  B "C5'"  1 
ATOM   579 C "C4'"  . DT  B 1 9  ? 7.275   -9.428  -3.045  1.00 0.28 ? 24 DT  B "C4'"  1 
ATOM   580 O "O4'"  . DT  B 1 9  ? 7.705   -8.069  -3.064  1.00 0.30 ? 24 DT  B "O4'"  1 
ATOM   581 C "C3'"  . DT  B 1 9  ? 8.482   -10.325 -3.257  1.00 0.34 ? 24 DT  B "C3'"  1 
ATOM   582 O "O3'"  . DT  B 1 9  ? 8.604   -10.926 -4.553  1.00 0.49 ? 24 DT  B "O3'"  1 
ATOM   583 C "C2'"  . DT  B 1 9  ? 9.620   -9.382  -2.934  1.00 0.31 ? 24 DT  B "C2'"  1 
ATOM   584 C "C1'"  . DT  B 1 9  ? 9.091   -7.995  -3.339  1.00 0.31 ? 24 DT  B "C1'"  1 
ATOM   585 N N1     . DT  B 1 9  ? 9.591   -6.823  -2.606  1.00 0.30 ? 24 DT  B N1     1 
ATOM   586 C C2     . DT  B 1 9  ? 10.020  -5.719  -3.323  1.00 0.39 ? 24 DT  B C2     1 
ATOM   587 O O2     . DT  B 1 9  ? 10.061  -5.712  -4.551  1.00 0.51 ? 24 DT  B O2     1 
ATOM   588 N N3     . DT  B 1 9  ? 10.397  -4.633  -2.575  1.00 0.37 ? 24 DT  B N3     1 
ATOM   589 C C4     . DT  B 1 9  ? 10.407  -4.558  -1.196  1.00 0.31 ? 24 DT  B C4     1 
ATOM   590 O O4     . DT  B 1 9  ? 10.776  -3.527  -0.636  1.00 0.33 ? 24 DT  B O4     1 
ATOM   591 C C5     . DT  B 1 9  ? 9.959   -5.770  -0.542  1.00 0.26 ? 24 DT  B C5     1 
ATOM   592 C C7     . DT  B 1 9  ? 9.890   -5.850  0.970   1.00 0.25 ? 24 DT  B C7     1 
ATOM   593 C C6     . DT  B 1 9  ? 9.590   -6.840  -1.257  1.00 0.25 ? 24 DT  B C6     1 
ATOM   594 H "H5'"  . DT  B 1 9  ? 5.948   -8.756  -1.752  1.00 0.41 ? 24 DT  B "H5'"  1 
ATOM   595 H "H5''" . DT  B 1 9  ? 6.040   -10.509 -1.473  1.00 0.39 ? 24 DT  B "H5''" 1 
ATOM   596 H "H4'"  . DT  B 1 9  ? 6.602   -9.536  -3.895  1.00 0.34 ? 24 DT  B "H4'"  1 
ATOM   597 H "H3'"  . DT  B 1 9  ? 8.371   -11.146 -2.562  1.00 0.42 ? 24 DT  B "H3'"  1 
ATOM   598 H "H2'"  . DT  B 1 9  ? 9.940   -9.549  -1.896  1.00 0.34 ? 24 DT  B "H2'"  1 
ATOM   599 H "H2''" . DT  B 1 9  ? 10.439  -9.618  -3.580  1.00 0.34 ? 24 DT  B "H2''" 1 
ATOM   600 H "H1'"  . DT  B 1 9  ? 9.217   -7.756  -4.383  1.00 0.34 ? 24 DT  B "H1'"  1 
ATOM   601 H H3     . DT  B 1 9  ? 10.689  -3.822  -3.104  1.00 0.42 ? 24 DT  B H3     1 
ATOM   602 H H71    . DT  B 1 9  ? 10.543  -6.652  1.311   1.00 0.65 ? 24 DT  B H71    1 
ATOM   603 H H72    . DT  B 1 9  ? 8.862   -6.072  1.251   1.00 0.58 ? 24 DT  B H72    1 
ATOM   604 H H73    . DT  B 1 9  ? 10.196  -4.897  1.396   1.00 0.58 ? 24 DT  B H73    1 
ATOM   605 H H6     . DT  B 1 9  ? 9.275   -7.768  -0.823  1.00 0.25 ? 24 DT  B H6     1 
ATOM   606 P P      . DC  B 1 10 ? 9.902   -11.838 -4.932  1.00 0.60 ? 25 DC  B P      1 
ATOM   607 O OP1    . DC  B 1 10 ? 9.462   -12.929 -5.829  1.00 0.89 ? 25 DC  B OP1    1 
ATOM   608 O OP2    . DC  B 1 10 ? 10.624  -12.152 -3.678  1.00 0.71 ? 25 DC  B OP2    1 
ATOM   609 O "O5'"  . DC  B 1 10 ? 10.788  -10.781 -5.780  1.00 0.37 ? 25 DC  B "O5'"  1 
ATOM   610 C "C5'"  . DC  B 1 10 ? 10.117  -10.183 -6.889  1.00 0.44 ? 25 DC  B "C5'"  1 
ATOM   611 C "C4'"  . DC  B 1 10 ? 10.881  -9.119  -7.687  1.00 0.45 ? 25 DC  B "C4'"  1 
ATOM   612 O "O4'"  . DC  B 1 10 ? 11.082  -7.927  -6.911  1.00 0.49 ? 25 DC  B "O4'"  1 
ATOM   613 C "C3'"  . DC  B 1 10 ? 12.220  -9.510  -8.350  1.00 0.46 ? 25 DC  B "C3'"  1 
ATOM   614 O "O3'"  . DC  B 1 10 ? 12.265  -8.895  -9.640  1.00 0.66 ? 25 DC  B "O3'"  1 
ATOM   615 C "C2'"  . DC  B 1 10 ? 13.192  -8.760  -7.429  1.00 0.52 ? 25 DC  B "C2'"  1 
ATOM   616 C "C1'"  . DC  B 1 10 ? 12.441  -7.479  -7.017  1.00 0.58 ? 25 DC  B "C1'"  1 
ATOM   617 N N1     . DC  B 1 10 ? 12.818  -6.964  -5.667  1.00 0.58 ? 25 DC  B N1     1 
ATOM   618 C C2     . DC  B 1 10 ? 13.268  -5.651  -5.540  1.00 0.80 ? 25 DC  B C2     1 
ATOM   619 O O2     . DC  B 1 10 ? 13.386  -4.923  -6.522  1.00 1.08 ? 25 DC  B O2     1 
ATOM   620 N N3     . DC  B 1 10 ? 13.579  -5.176  -4.302  1.00 0.79 ? 25 DC  B N3     1 
ATOM   621 C C4     . DC  B 1 10 ? 13.432  -5.930  -3.203  1.00 0.62 ? 25 DC  B C4     1 
ATOM   622 N N4     . DC  B 1 10 ? 13.770  -5.432  -2.010  1.00 0.65 ? 25 DC  B N4     1 
ATOM   623 C C5     . DC  B 1 10 ? 12.924  -7.262  -3.297  1.00 0.58 ? 25 DC  B C5     1 
ATOM   624 C C6     . DC  B 1 10 ? 12.698  -7.765  -4.565  1.00 0.53 ? 25 DC  B C6     1 
ATOM   625 H "H5'"  . DC  B 1 10 ? 9.261   -9.686  -6.442  1.00 0.53 ? 25 DC  B "H5'"  1 
ATOM   626 H "H5''" . DC  B 1 10 ? 9.736   -10.970 -7.532  1.00 0.58 ? 25 DC  B "H5''" 1 
ATOM   627 H "H4'"  . DC  B 1 10 ? 10.213  -8.802  -8.481  1.00 0.59 ? 25 DC  B "H4'"  1 
ATOM   628 H "H3'"  . DC  B 1 10 ? 12.347  -10.609 -8.449  1.00 0.44 ? 25 DC  B "H3'"  1 
ATOM   629 H "HO3'" . DC  B 1 10 ? 13.101  -9.139  -10.043 1.00 0.92 ? 25 DC  B "HO3'" 1 
ATOM   630 H "H2'"  . DC  B 1 10 ? 13.364  -9.422  -6.578  1.00 0.49 ? 25 DC  B "H2'"  1 
ATOM   631 H "H2''" . DC  B 1 10 ? 14.142  -8.456  -7.896  1.00 0.73 ? 25 DC  B "H2''" 1 
ATOM   632 H "H1'"  . DC  B 1 10 ? 12.542  -6.676  -7.770  1.00 0.77 ? 25 DC  B "H1'"  1 
ATOM   633 H H41    . DC  B 1 10 ? 14.219  -4.527  -1.971  1.00 0.73 ? 25 DC  B H41    1 
ATOM   634 H H42    . DC  B 1 10 ? 13.596  -5.954  -1.159  1.00 0.65 ? 25 DC  B H42    1 
ATOM   635 H H5     . DC  B 1 10 ? 12.714  -7.837  -2.422  1.00 0.71 ? 25 DC  B H5     1 
ATOM   636 H H6     . DC  B 1 10 ? 12.438  -8.797  -4.690  1.00 0.61 ? 25 DC  B H6     1 
HETATM 637 C CA     . AR1 C 2 .  ? 1.401   -4.835  -3.425  1.00 0.24 ? 12 AR1 A CA     1 
HETATM 638 O OA     . AR1 C 2 .  ? 1.293   -6.024  -3.716  1.00 0.28 ? 12 AR1 A OA     1 
HETATM 639 N N1     . AR1 C 2 .  ? 0.851   -4.246  -2.359  1.00 0.21 ? 12 AR1 A N1     1 
HETATM 640 C C11    . AR1 C 2 .  ? 0.081   -4.912  -1.350  1.00 0.22 ? 12 AR1 A C11    1 
HETATM 641 N N21    . AR1 C 2 .  ? -0.351  -4.318  -0.225  1.00 0.22 ? 12 AR1 A N21    1 
HETATM 642 C C31    . AR1 C 2 .  ? -0.930  -5.238  0.572   1.00 0.25 ? 12 AR1 A C31    1 
HETATM 643 N N41    . AR1 C 2 .  ? -0.859  -6.439  -0.077  1.00 0.26 ? 12 AR1 A N41    1 
HETATM 644 C CN1    . AR1 C 2 .  ? -1.333  -7.739  0.429   1.00 0.30 ? 12 AR1 A CN1    1 
HETATM 645 C C51    . AR1 C 2 .  ? -0.245  -6.218  -1.281  1.00 0.25 ? 12 AR1 A C51    1 
HETATM 646 C C1     . AR1 C 2 .  ? -1.478  -4.973  1.916   1.00 0.25 ? 12 AR1 A C1     1 
HETATM 647 O O1     . AR1 C 2 .  ? -1.865  -5.896  2.626   1.00 0.27 ? 12 AR1 A O1     1 
HETATM 648 N N2     . AR1 C 2 .  ? -1.670  -3.671  2.206   1.00 0.24 ? 12 AR1 A N2     1 
HETATM 649 C C12    . AR1 C 2 .  ? -2.321  -3.145  3.367   1.00 0.22 ? 12 AR1 A C12    1 
HETATM 650 N N22    . AR1 C 2 .  ? -2.625  -1.842  3.544   1.00 0.23 ? 12 AR1 A N22    1 
HETATM 651 C C32    . AR1 C 2 .  ? -3.134  -1.656  4.768   1.00 0.22 ? 12 AR1 A C32    1 
HETATM 652 N N42    . AR1 C 2 .  ? -3.159  -2.891  5.368   1.00 0.21 ? 12 AR1 A N42    1 
HETATM 653 C CN2    . AR1 C 2 .  ? -3.669  -3.198  6.706   1.00 0.22 ? 12 AR1 A CN2    1 
HETATM 654 C C52    . AR1 C 2 .  ? -2.654  -3.803  4.487   1.00 0.22 ? 12 AR1 A C52    1 
HETATM 655 C C2     . AR1 C 2 .  ? -3.381  -0.342  5.389   1.00 0.22 ? 12 AR1 A C2     1 
HETATM 656 O O2     . AR1 C 2 .  ? -3.553  -0.280  6.601   1.00 0.21 ? 12 AR1 A O2     1 
HETATM 657 N N3     . AR1 C 2 .  ? -3.533  0.720   4.571   1.00 0.22 ? 12 AR1 A N3     1 
HETATM 658 C C13    . AR1 C 2 .  ? -3.872  2.050   5.014   1.00 0.21 ? 12 AR1 A C13    1 
HETATM 659 N N23    . AR1 C 2 .  ? -4.200  3.089   4.209   1.00 0.20 ? 12 AR1 A N23    1 
HETATM 660 C C33    . AR1 C 2 .  ? -4.347  4.198   4.944   1.00 0.21 ? 12 AR1 A C33    1 
HETATM 661 N N43    . AR1 C 2 .  ? -4.086  3.862   6.243   1.00 0.22 ? 12 AR1 A N43    1 
HETATM 662 C CN3    . AR1 C 2 .  ? -4.052  4.770   7.400   1.00 0.23 ? 12 AR1 A CN3    1 
HETATM 663 C C53    . AR1 C 2 .  ? -3.812  2.532   6.270   1.00 0.22 ? 12 AR1 A C53    1 
HETATM 664 C C3     . AR1 C 2 .  ? -4.815  5.505   4.479   1.00 0.22 ? 12 AR1 A C3     1 
HETATM 665 O O3     . AR1 C 2 .  ? -4.964  6.398   5.308   1.00 0.26 ? 12 AR1 A O3     1 
HETATM 666 N NT     . AR1 C 2 .  ? -5.191  5.631   3.193   1.00 0.22 ? 12 AR1 A NT     1 
HETATM 667 C C1T    . AR1 C 2 .  ? -5.809  6.862   2.709   1.00 0.27 ? 12 AR1 A C1T    1 
HETATM 668 C C2T    . AR1 C 2 .  ? -4.733  7.955   2.404   1.00 0.29 ? 12 AR1 A C2T    1 
HETATM 669 N N3T    . AR1 C 2 .  ? -4.609  8.871   3.579   1.00 0.28 ? 12 AR1 A N3T    1 
HETATM 670 C CNT    . AR1 C 2 .  ? -3.269  9.438   3.807   1.00 0.31 ? 12 AR1 A CNT    1 
HETATM 671 C CMT    . AR1 C 2 .  ? -5.652  9.910   3.667   1.00 0.38 ? 12 AR1 A CMT    1 
HETATM 672 H HA     . AR1 C 2 .  ? 2.029   -4.182  -4.025  1.00 0.27 ? 12 AR1 A HA     1 
HETATM 673 H HN1    . AR1 C 2 .  ? 1.057   -3.271  -2.234  1.00 0.21 ? 12 AR1 A HN1    1 
HETATM 674 H HN11   . AR1 C 2 .  ? -0.715  -8.044  1.275   1.00 0.97 ? 12 AR1 A HN11   1 
HETATM 675 H HN12   . AR1 C 2 .  ? -1.261  -8.492  -0.357  1.00 1.02 ? 12 AR1 A HN12   1 
HETATM 676 H HN13   . AR1 C 2 .  ? -2.370  -7.652  0.752   1.00 1.04 ? 12 AR1 A HN13   1 
HETATM 677 H H51    . AR1 C 2 .  ? -0.148  -6.938  -2.079  1.00 0.27 ? 12 AR1 A H51    1 
HETATM 678 H HN2    . AR1 C 2 .  ? -1.425  -2.998  1.511   1.00 0.25 ? 12 AR1 A HN2    1 
HETATM 679 H HN21   . AR1 C 2 .  ? -4.684  -2.810  6.797   1.00 1.00 ? 12 AR1 A HN21   1 
HETATM 680 H HN22   . AR1 C 2 .  ? -3.027  -2.732  7.452   1.00 1.12 ? 12 AR1 A HN22   1 
HETATM 681 H HN23   . AR1 C 2 .  ? -3.680  -4.279  6.852   1.00 0.97 ? 12 AR1 A HN23   1 
HETATM 682 H H52    . AR1 C 2 .  ? -2.577  -4.868  4.646   1.00 0.24 ? 12 AR1 A H52    1 
HETATM 683 H HN3    . AR1 C 2 .  ? -3.503  0.581   3.578   1.00 0.22 ? 12 AR1 A HN3    1 
HETATM 684 H HN31   . AR1 C 2 .  ? -3.326  5.564   7.207   1.00 1.09 ? 12 AR1 A HN31   1 
HETATM 685 H HN32   . AR1 C 2 .  ? -3.755  4.219   8.291   1.00 1.05 ? 12 AR1 A HN32   1 
HETATM 686 H HN33   . AR1 C 2 .  ? -5.037  5.209   7.551   1.00 1.01 ? 12 AR1 A HN33   1 
HETATM 687 H H53    . AR1 C 2 .  ? -3.627  1.963   7.163   1.00 0.23 ? 12 AR1 A H53    1 
HETATM 688 H HT     . AR1 C 2 .  ? -5.138  4.847   2.558   1.00 0.22 ? 12 AR1 A HT     1 
HETATM 689 H H1T1   . AR1 C 2 .  ? -6.425  7.238   3.540   1.00 0.27 ? 12 AR1 A H1T1   1 
HETATM 690 H H1T2   . AR1 C 2 .  ? -6.454  6.568   1.847   1.00 0.37 ? 12 AR1 A H1T2   1 
HETATM 691 H H2T1   . AR1 C 2 .  ? -5.013  8.520   1.476   1.00 0.40 ? 12 AR1 A H2T1   1 
HETATM 692 H H2T2   . AR1 C 2 .  ? -3.780  7.394   2.255   1.00 0.34 ? 12 AR1 A H2T2   1 
HETATM 693 H HNT    . AR1 C 2 .  ? -4.752  8.290   4.379   1.00 0.28 ? 12 AR1 A HNT    1 
HETATM 694 H HNT1   . AR1 C 2 .  ? -2.506  8.657   3.793   1.00 1.18 ? 12 AR1 A HNT1   1 
HETATM 695 H HNT2   . AR1 C 2 .  ? -3.240  9.908   4.798   1.00 1.05 ? 12 AR1 A HNT2   1 
HETATM 696 H HNT3   . AR1 C 2 .  ? -3.020  10.196  3.064   1.00 0.97 ? 12 AR1 A HNT3   1 
HETATM 697 H HMT1   . AR1 C 2 .  ? -5.763  10.447  2.724   1.00 1.06 ? 12 AR1 A HMT1   1 
HETATM 698 H HMT2   . AR1 C 2 .  ? -5.405  10.635  4.451   1.00 1.10 ? 12 AR1 A HMT2   1 
HETATM 699 H HMT3   . AR1 C 2 .  ? -6.615  9.461   3.929   1.00 1.14 ? 12 AR1 A HMT3   1 
HETATM 700 C CA     . AR1 D 2 .  ? -1.401  4.835   3.425   1.00 0.24 ? 26 AR1 B CA     1 
HETATM 701 O OA     . AR1 D 2 .  ? -1.469  5.414   4.507   1.00 0.28 ? 26 AR1 B OA     1 
HETATM 702 N N1     . AR1 D 2 .  ? -1.045  3.557   3.252   1.00 0.21 ? 26 AR1 B N1     1 
HETATM 703 C C11    . AR1 D 2 .  ? -0.731  2.636   4.304   1.00 0.22 ? 26 AR1 B C11    1 
HETATM 704 N N21    . AR1 D 2 .  ? -0.504  1.326   4.107   1.00 0.22 ? 26 AR1 B N21    1 
HETATM 705 C C31    . AR1 D 2 .  ? -0.364  0.713   5.299   1.00 0.24 ? 26 AR1 B C31    1 
HETATM 706 N N41    . AR1 D 2 .  ? -0.508  1.669   6.266   1.00 0.26 ? 26 AR1 B N41    1 
HETATM 707 C CN1    . AR1 D 2 .  ? -0.470  1.455   7.723   1.00 0.29 ? 26 AR1 B CN1    1 
HETATM 708 C C51    . AR1 D 2 .  ? -0.717  2.864   5.632   1.00 0.24 ? 26 AR1 B C51    1 
HETATM 709 C C1     . AR1 D 2 .  ? -0.154  -0.735  5.489   1.00 0.25 ? 26 AR1 B C1     1 
HETATM 710 O O1     . AR1 D 2 .  ? -0.173  -1.226  6.613   1.00 0.26 ? 26 AR1 B O1     1 
HETATM 711 N N2     . AR1 D 2 .  ? 0.220   -1.407  4.383   1.00 0.24 ? 26 AR1 B N2     1 
HETATM 712 C C12    . AR1 D 2 .  ? 0.631   -2.775  4.316   1.00 0.22 ? 26 AR1 B C12    1 
HETATM 713 N N22    . AR1 D 2 .  ? 1.142   -3.364  3.215   1.00 0.22 ? 26 AR1 B N22    1 
HETATM 714 C C32    . AR1 D 2 .  ? 1.332   -4.671  3.443   1.00 0.22 ? 26 AR1 B C32    1 
HETATM 715 N N42    . AR1 D 2 .  ? 0.937   -4.898  4.739   1.00 0.21 ? 26 AR1 B N42    1 
HETATM 716 C CN2    . AR1 D 2 .  ? 0.992   -6.175  5.454   1.00 0.23 ? 26 AR1 B CN2    1 
HETATM 717 C C52    . AR1 D 2 .  ? 0.507   -3.715  5.267   1.00 0.22 ? 26 AR1 B C52    1 
HETATM 718 C C2     . AR1 D 2 .  ? 1.671   -5.667  2.411   1.00 0.22 ? 26 AR1 B C2     1 
HETATM 719 O O2     . AR1 D 2 .  ? 1.521   -6.857  2.662   1.00 0.21 ? 26 AR1 B O2     1 
HETATM 720 N N3     . AR1 D 2 .  ? 2.257   -5.224  1.279   1.00 0.22 ? 26 AR1 B N3     1 
HETATM 721 C C13    . AR1 D 2 .  ? 2.734   -6.076  0.218   1.00 0.21 ? 26 AR1 B C13    1 
HETATM 722 N N23    . AR1 D 2 .  ? 3.476   -5.674  -0.841  1.00 0.20 ? 26 AR1 B N23    1 
HETATM 723 C C33    . AR1 D 2 .  ? 3.648   -6.702  -1.683  1.00 0.21 ? 26 AR1 B C33    1 
HETATM 724 N N43    . AR1 D 2 .  ? 2.985   -7.774  -1.158  1.00 0.21 ? 26 AR1 B N43    1 
HETATM 725 C CN3    . AR1 D 2 .  ? 2.831   -9.105  -1.767  1.00 0.23 ? 26 AR1 B CN3    1 
HETATM 726 C C53    . AR1 D 2 .  ? 2.442   -7.376  0.023   1.00 0.22 ? 26 AR1 B C53    1 
HETATM 727 C C3     . AR1 D 2 .  ? 4.487   -6.722  -2.885  1.00 0.22 ? 26 AR1 B C3     1 
HETATM 728 O O3     . AR1 D 2 .  ? 4.591   -7.777  -3.502  1.00 0.25 ? 26 AR1 B O3     1 
HETATM 729 N NT     . AR1 D 2 .  ? 5.211   -5.626  -3.180  1.00 0.21 ? 26 AR1 B NT     1 
HETATM 730 C C1T    . AR1 D 2 .  ? 6.179   -5.640  -4.271  1.00 0.25 ? 26 AR1 B C1T    1 
HETATM 731 C C2T    . AR1 D 2 .  ? 5.476   -5.435  -5.654  1.00 0.27 ? 26 AR1 B C2T    1 
HETATM 732 N N3T    . AR1 D 2 .  ? 5.238   -6.764  -6.293  1.00 0.25 ? 26 AR1 B N3T    1 
HETATM 733 C CNT    . AR1 D 2 .  ? 4.035   -6.859  -7.137  1.00 0.29 ? 26 AR1 B CNT    1 
HETATM 734 C CMT    . AR1 D 2 .  ? 6.411   -7.350  -6.968  1.00 0.36 ? 26 AR1 B CMT    1 
HETATM 735 H HA     . AR1 D 2 .  ? -1.695  5.347   2.513   1.00 0.27 ? 26 AR1 B HA     1 
HETATM 736 H HN1    . AR1 D 2 .  ? -1.069  3.214   2.308   1.00 0.22 ? 26 AR1 B HN1    1 
HETATM 737 H HN11   . AR1 D 2 .  ? -1.342  0.871   8.026   1.00 0.95 ? 26 AR1 B HN11   1 
HETATM 738 H HN12   . AR1 D 2 .  ? -0.485  2.415   8.240   1.00 1.04 ? 26 AR1 B HN12   1 
HETATM 739 H HN13   . AR1 D 2 .  ? 0.437   0.913   7.992   1.00 1.03 ? 26 AR1 B HN13   1 
HETATM 740 H H51    . AR1 D 2 .  ? -0.745  3.835   6.108   1.00 0.26 ? 26 AR1 B H51    1 
HETATM 741 H HN2    . AR1 D 2 .  ? 0.317   -0.889  3.535   1.00 0.25 ? 26 AR1 B HN2    1 
HETATM 742 H HN21   . AR1 D 2 .  ? 2.003   -6.577  5.385   1.00 1.00 ? 26 AR1 B HN21   1 
HETATM 743 H HN22   . AR1 D 2 .  ? 0.286   -6.872  5.005   1.00 1.12 ? 26 AR1 B HN22   1 
HETATM 744 H HN23   . AR1 D 2 .  ? 0.738   -6.016  6.503   1.00 0.96 ? 26 AR1 B HN23   1 
HETATM 745 H H52    . AR1 D 2 .  ? 0.170   -3.554  6.279   1.00 0.24 ? 26 AR1 B H52    1 
HETATM 746 H HN3    . AR1 D 2 .  ? 2.465   -4.246  1.185   1.00 0.22 ? 26 AR1 B HN3    1 
HETATM 747 H HN31   . AR1 D 2 .  ? 2.365   -8.995  -2.749  1.00 1.08 ? 26 AR1 B HN31   1 
HETATM 748 H HN32   . AR1 D 2 .  ? 2.198   -9.728  -1.136  1.00 1.06 ? 26 AR1 B HN32   1 
HETATM 749 H HN33   . AR1 D 2 .  ? 3.807   -9.572  -1.879  1.00 1.00 ? 26 AR1 B HN33   1 
HETATM 750 H H53    . AR1 D 2 .  ? 1.909   -8.019  0.699   1.00 0.23 ? 26 AR1 B H53    1 
HETATM 751 H HT     . AR1 D 2 .  ? 5.168   -4.805  -2.595  1.00 0.22 ? 26 AR1 B HT     1 
HETATM 752 H H1T1   . AR1 D 2 .  ? 6.614   -6.652  -4.280  1.00 0.26 ? 26 AR1 B H1T1   1 
HETATM 753 H H1T2   . AR1 D 2 .  ? 6.955   -4.882  -4.010  1.00 0.36 ? 26 AR1 B H1T2   1 
HETATM 754 H H2T1   . AR1 D 2 .  ? 6.106   -4.778  -6.309  1.00 0.38 ? 26 AR1 B H2T1   1 
HETATM 755 H H2T2   . AR1 D 2 .  ? 4.503   -4.941  -5.417  1.00 0.33 ? 26 AR1 B H2T2   1 
HETATM 756 H HNT    . AR1 D 2 .  ? 5.036   -7.385  -5.536  1.00 0.26 ? 26 AR1 B HNT    1 
HETATM 757 H HNT1   . AR1 D 2 .  ? 3.157   -6.476  -6.615  1.00 1.16 ? 26 AR1 B HNT1   1 
HETATM 758 H HNT2   . AR1 D 2 .  ? 3.842   -7.916  -7.372  1.00 1.05 ? 26 AR1 B HNT2   1 
HETATM 759 H HNT3   . AR1 D 2 .  ? 4.158   -6.322  -8.077  1.00 0.98 ? 26 AR1 B HNT3   1 
HETATM 760 H HMT1   . AR1 D 2 .  ? 6.880   -6.639  -7.648  1.00 1.07 ? 26 AR1 B HMT1   1 
HETATM 761 H HMT2   . AR1 D 2 .  ? 6.119   -8.237  -7.546  1.00 1.08 ? 26 AR1 B HMT2   1 
HETATM 762 H HMT3   . AR1 D 2 .  ? 7.153   -7.673  -6.232  1.00 1.12 ? 26 AR1 B HMT3   1 
# 
